data_3WLA
#
_entry.id   3WLA
#
_cell.length_a   58.340
_cell.length_b   75.742
_cell.length_c   75.980
_cell.angle_alpha   74.04
_cell.angle_beta   88.67
_cell.angle_gamma   74.01
#
_symmetry.space_group_name_H-M   'P 1'
#
loop_
_entity.id
_entity.type
_entity.pdbx_description
1 polymer 'Oxidized polyvinyl alcohol hydrolase'
2 non-polymer 'SULFATE ION'
3 water water
#
_entity_poly.entity_id   1
_entity_poly.type   'polypeptide(L)'
_entity_poly.pdbx_seq_one_letter_code
;EAEAYVKSEWACPEGFTPKAGLNTDFPSDGKKRAFVVVPPKDSAGGAPVWVPMVGTVEATNWNLNVPRSGNNAKLAEHGY
MVISPVRQCAEQDPNLGAGACNGVGKDGWTWNPWNDGRAPDASGDKYKTDAGDDVRFLEAMVRCVGTKWKLDRKRLFLGG
ISAGGTMTNRALLFDSEFWAGGMPISGEWYSTKDDGSTVPFQETRKMVAAAPAKIWQGRVGPYPLPSKLDPMVVITVWGG
EKDLWDCGPPLGLCSDYRPTTQASSNYFSSISNVVHVACSATHGHMWPQVNTDAFNLWALNTMASHPKGSSPKDFKLTAP
PEGYSCKIGRFTDHYK
;
_entity_poly.pdbx_strand_id   A,B,C
#
loop_
_chem_comp.id
_chem_comp.type
_chem_comp.name
_chem_comp.formula
SO4 non-polymer 'SULFATE ION' 'O4 S -2'
#
# COMPACT_ATOMS: atom_id res chain seq x y z
N SER A 8 -30.21 19.61 30.95
CA SER A 8 -28.73 19.89 31.04
C SER A 8 -27.97 19.40 29.78
N GLU A 9 -26.94 20.14 29.39
CA GLU A 9 -26.18 19.76 28.19
C GLU A 9 -25.24 18.62 28.53
N TRP A 10 -24.95 18.46 29.82
CA TRP A 10 -23.99 17.47 30.27
C TRP A 10 -24.54 16.24 30.98
N ALA A 11 -24.11 15.06 30.54
CA ALA A 11 -24.57 13.80 31.12
C ALA A 11 -23.67 12.64 30.72
N CYS A 12 -23.63 11.61 31.56
CA CYS A 12 -22.83 10.43 31.27
C CYS A 12 -23.72 9.21 31.17
N PRO A 13 -23.26 8.16 30.46
CA PRO A 13 -24.14 7.00 30.40
C PRO A 13 -24.09 6.29 31.75
N GLU A 14 -25.18 5.59 32.08
CA GLU A 14 -25.31 4.84 33.33
C GLU A 14 -24.07 4.02 33.58
N GLY A 15 -23.48 4.15 34.76
CA GLY A 15 -22.32 3.34 35.09
C GLY A 15 -20.97 3.85 34.65
N PHE A 16 -20.96 4.97 33.94
CA PHE A 16 -19.70 5.54 33.49
C PHE A 16 -19.44 6.89 34.13
N THR A 17 -18.19 7.11 34.53
CA THR A 17 -17.77 8.39 35.07
C THR A 17 -16.40 8.68 34.46
N PRO A 18 -16.26 9.87 33.84
CA PRO A 18 -15.04 10.30 33.19
C PRO A 18 -13.91 10.63 34.11
N LYS A 19 -12.68 10.43 33.66
CA LYS A 19 -11.53 10.78 34.46
C LYS A 19 -10.42 11.27 33.55
N ALA A 20 -9.38 11.83 34.16
CA ALA A 20 -8.23 12.30 33.42
C ALA A 20 -7.50 11.11 32.85
N GLY A 21 -6.93 11.30 31.67
CA GLY A 21 -6.19 10.20 31.05
C GLY A 21 -7.04 9.25 30.23
N LEU A 22 -6.62 8.00 30.16
CA LEU A 22 -7.34 7.01 29.39
C LEU A 22 -8.63 6.59 30.04
N ASN A 23 -9.70 6.61 29.24
CA ASN A 23 -11.02 6.14 29.63
C ASN A 23 -11.38 4.98 28.68
N THR A 24 -11.83 3.85 29.24
CA THR A 24 -12.25 2.67 28.47
C THR A 24 -13.66 2.24 28.86
N ASP A 25 -14.29 1.44 28.02
CA ASP A 25 -15.65 0.97 28.29
C ASP A 25 -16.77 1.97 28.37
N PHE A 26 -16.66 3.02 27.58
CA PHE A 26 -17.71 4.01 27.50
C PHE A 26 -18.77 3.38 26.61
N PRO A 27 -20.01 3.24 27.10
CA PRO A 27 -21.02 2.62 26.26
C PRO A 27 -21.63 3.53 25.23
N SER A 28 -21.64 3.07 23.98
CA SER A 28 -22.19 3.92 22.93
C SER A 28 -22.67 3.09 21.76
N ASP A 29 -23.98 3.13 21.51
CA ASP A 29 -24.61 2.35 20.45
C ASP A 29 -24.26 0.88 20.63
N GLY A 30 -24.09 0.48 21.89
CA GLY A 30 -23.81 -0.90 22.21
C GLY A 30 -22.38 -1.33 22.09
N LYS A 31 -21.46 -0.38 21.91
CA LYS A 31 -20.07 -0.80 21.81
C LYS A 31 -19.32 -0.25 23.01
N LYS A 32 -18.13 -0.79 23.27
CA LYS A 32 -17.30 -0.30 24.35
C LYS A 32 -16.26 0.66 23.73
N ARG A 33 -16.36 1.94 24.03
CA ARG A 33 -15.46 2.93 23.41
C ARG A 33 -14.47 3.52 24.42
N ALA A 34 -13.40 4.07 23.88
CA ALA A 34 -12.33 4.61 24.69
C ALA A 34 -11.90 6.01 24.18
N PHE A 35 -11.31 6.80 25.08
CA PHE A 35 -10.85 8.17 24.74
C PHE A 35 -9.92 8.70 25.83
N VAL A 36 -9.03 9.63 25.43
CA VAL A 36 -8.06 10.19 26.36
C VAL A 36 -8.44 11.63 26.70
N VAL A 37 -8.53 11.93 27.99
CA VAL A 37 -8.90 13.26 28.48
C VAL A 37 -7.66 13.99 29.02
N VAL A 38 -7.39 15.19 28.50
CA VAL A 38 -6.24 16.01 28.97
C VAL A 38 -6.85 17.34 29.35
N PRO A 39 -7.24 17.51 30.62
CA PRO A 39 -7.84 18.79 31.01
C PRO A 39 -6.88 19.96 31.10
N PRO A 40 -7.39 21.19 30.97
CA PRO A 40 -6.54 22.39 31.06
C PRO A 40 -6.25 22.61 32.57
N LYS A 41 -5.23 23.37 32.93
CA LYS A 41 -4.99 23.61 34.37
C LYS A 41 -6.14 24.38 35.05
N ASP A 42 -6.82 25.27 34.34
CA ASP A 42 -7.96 26.02 34.91
C ASP A 42 -9.10 26.11 33.88
N SER A 43 -10.34 25.79 34.27
CA SER A 43 -11.50 25.85 33.37
C SER A 43 -12.28 27.06 33.84
N ALA A 44 -11.70 28.25 33.62
CA ALA A 44 -12.28 29.51 34.04
C ALA A 44 -13.81 29.62 33.86
N GLY A 45 -14.56 28.78 34.55
CA GLY A 45 -16.01 28.80 34.41
C GLY A 45 -16.52 28.12 33.12
N GLY A 46 -15.61 27.71 32.21
CA GLY A 46 -16.00 27.02 30.99
C GLY A 46 -14.90 26.94 29.91
N ALA A 47 -14.25 25.78 29.79
CA ALA A 47 -13.15 25.60 28.83
C ALA A 47 -13.53 25.25 27.40
N PRO A 48 -12.86 25.88 26.43
CA PRO A 48 -13.19 25.53 25.05
C PRO A 48 -12.62 24.10 24.88
N VAL A 49 -13.23 23.33 23.98
CA VAL A 49 -12.84 21.95 23.72
C VAL A 49 -12.25 21.66 22.33
N TRP A 50 -11.17 20.87 22.33
CA TRP A 50 -10.46 20.42 21.11
C TRP A 50 -10.53 18.88 21.11
N VAL A 51 -11.07 18.30 20.03
CA VAL A 51 -11.18 16.84 19.91
C VAL A 51 -10.40 16.42 18.65
N PRO A 52 -9.08 16.21 18.80
CA PRO A 52 -8.26 15.83 17.66
C PRO A 52 -8.33 14.34 17.34
N MET A 53 -8.44 13.98 16.06
CA MET A 53 -8.56 12.59 15.62
C MET A 53 -7.49 12.15 14.68
N VAL A 54 -6.93 10.95 14.95
CA VAL A 54 -5.90 10.36 14.08
C VAL A 54 -6.61 9.81 12.84
N GLY A 55 -5.77 9.41 11.90
CA GLY A 55 -6.21 8.83 10.67
C GLY A 55 -6.06 7.32 10.62
N THR A 56 -5.35 6.84 9.64
CA THR A 56 -5.28 5.39 9.48
C THR A 56 -4.15 4.69 10.21
N VAL A 57 -2.99 5.33 10.28
CA VAL A 57 -1.83 4.66 10.88
C VAL A 57 -1.19 5.23 12.14
N GLU A 58 -1.69 6.34 12.66
CA GLU A 58 -1.07 6.88 13.90
C GLU A 58 -1.91 6.55 15.11
N ALA A 59 -1.26 6.31 16.23
CA ALA A 59 -1.97 5.95 17.47
C ALA A 59 -2.52 7.23 18.10
N THR A 60 -3.63 7.12 18.84
CA THR A 60 -4.21 8.28 19.54
C THR A 60 -3.17 8.95 20.44
N ASN A 61 -2.40 8.16 21.17
CA ASN A 61 -1.40 8.76 22.04
C ASN A 61 -0.28 9.50 21.26
N TRP A 62 0.05 9.07 20.04
CA TRP A 62 1.03 9.80 19.27
C TRP A 62 0.48 11.18 18.94
N ASN A 63 -0.75 11.24 18.46
CA ASN A 63 -1.34 12.51 18.13
C ASN A 63 -1.32 13.47 19.32
N LEU A 64 -1.52 12.95 20.53
CA LEU A 64 -1.51 13.77 21.72
C LEU A 64 -0.13 14.12 22.23
N ASN A 65 0.82 13.19 22.08
CA ASN A 65 2.13 13.41 22.72
C ASN A 65 3.38 13.44 21.92
N VAL A 66 3.30 13.13 20.64
CA VAL A 66 4.47 13.07 19.83
C VAL A 66 4.40 14.19 18.83
N PRO A 67 5.42 15.05 18.82
CA PRO A 67 5.47 16.18 17.90
C PRO A 67 5.22 15.85 16.49
N ARG A 68 5.85 14.79 16.00
CA ARG A 68 5.72 14.37 14.63
C ARG A 68 4.26 14.10 14.25
N SER A 69 3.46 13.68 15.24
CA SER A 69 2.06 13.36 14.99
C SER A 69 1.12 14.46 15.45
N GLY A 70 1.66 15.61 15.87
CA GLY A 70 0.79 16.72 16.23
C GLY A 70 0.97 17.34 17.61
N ASN A 71 1.36 16.55 18.60
CA ASN A 71 1.55 17.07 19.98
C ASN A 71 0.31 17.88 20.41
N ASN A 72 -0.87 17.29 20.16
CA ASN A 72 -2.12 17.97 20.48
C ASN A 72 -2.38 18.18 21.98
N ALA A 73 -1.75 17.39 22.85
CA ALA A 73 -1.97 17.59 24.28
C ALA A 73 -1.47 18.97 24.73
N LYS A 74 -0.58 19.55 23.94
CA LYS A 74 0.00 20.84 24.28
C LYS A 74 -1.07 21.94 24.38
N LEU A 75 -2.17 21.78 23.66
CA LEU A 75 -3.21 22.78 23.70
C LEU A 75 -3.81 22.92 25.12
N ALA A 76 -3.73 21.86 25.93
CA ALA A 76 -4.23 21.93 27.29
C ALA A 76 -3.41 22.96 28.10
N GLU A 77 -2.18 23.26 27.67
CA GLU A 77 -1.36 24.23 28.37
C GLU A 77 -1.87 25.66 28.10
N HIS A 78 -2.76 25.81 27.12
CA HIS A 78 -3.29 27.10 26.73
C HIS A 78 -4.79 27.27 27.01
N GLY A 79 -5.31 26.45 27.89
CA GLY A 79 -6.68 26.57 28.31
C GLY A 79 -7.71 25.70 27.66
N TYR A 80 -7.28 24.88 26.71
CA TYR A 80 -8.23 24.00 26.04
C TYR A 80 -8.37 22.65 26.71
N MET A 81 -9.61 22.16 26.79
CA MET A 81 -9.83 20.79 27.26
C MET A 81 -9.59 19.95 25.98
N VAL A 82 -8.64 19.01 26.00
CA VAL A 82 -8.37 18.18 24.80
C VAL A 82 -8.90 16.75 25.04
N ILE A 83 -9.79 16.25 24.17
CA ILE A 83 -10.30 14.89 24.31
C ILE A 83 -10.02 14.16 22.97
N SER A 84 -9.19 13.13 22.97
CA SER A 84 -8.90 12.43 21.72
C SER A 84 -9.56 11.04 21.81
N PRO A 85 -10.49 10.74 20.89
CA PRO A 85 -11.23 9.48 20.83
C PRO A 85 -10.46 8.39 20.17
N VAL A 86 -10.64 7.16 20.67
CA VAL A 86 -10.00 6.01 20.11
C VAL A 86 -10.89 5.35 19.02
N ARG A 87 -10.28 4.97 17.90
CA ARG A 87 -11.03 4.38 16.77
C ARG A 87 -11.59 3.00 17.19
N GLN A 88 -12.79 2.64 16.71
CA GLN A 88 -13.39 1.33 17.03
C GLN A 88 -12.43 0.18 16.76
N CYS A 89 -11.78 0.22 15.59
CA CYS A 89 -10.85 -0.83 15.15
C CYS A 89 -9.59 -1.00 16.03
N ALA A 90 -9.24 0.03 16.80
CA ALA A 90 -8.07 -0.08 17.67
C ALA A 90 -8.44 -0.81 18.97
N GLU A 91 -9.71 -1.19 19.07
CA GLU A 91 -10.25 -1.90 20.23
C GLU A 91 -9.79 -1.34 21.61
N GLN A 92 -10.02 -0.04 21.79
CA GLN A 92 -9.68 0.65 23.05
C GLN A 92 -8.23 0.84 23.44
N ASP A 93 -7.29 0.46 22.55
CA ASP A 93 -5.85 0.62 22.76
C ASP A 93 -5.37 2.00 22.18
N PRO A 94 -5.00 2.97 23.03
CA PRO A 94 -4.55 4.29 22.51
C PRO A 94 -3.18 4.31 21.93
N ASN A 95 -2.45 3.22 22.13
CA ASN A 95 -1.12 3.07 21.60
C ASN A 95 -1.07 2.28 20.27
N LEU A 96 -2.22 1.83 19.81
CA LEU A 96 -2.26 1.09 18.56
C LEU A 96 -2.27 2.10 17.39
N GLY A 97 -1.30 1.94 16.51
CA GLY A 97 -1.11 2.81 15.36
C GLY A 97 -1.98 2.41 14.17
N ALA A 98 -1.65 1.31 13.53
CA ALA A 98 -2.43 0.90 12.38
C ALA A 98 -3.27 -0.37 12.66
N GLY A 99 -2.63 -1.53 12.72
CA GLY A 99 -3.38 -2.75 12.99
C GLY A 99 -4.58 -2.96 12.06
N ALA A 100 -5.69 -3.39 12.63
CA ALA A 100 -6.92 -3.64 11.86
C ALA A 100 -7.47 -2.33 11.32
N CYS A 101 -6.99 -1.22 11.85
CA CYS A 101 -7.50 0.05 11.32
C CYS A 101 -7.14 0.26 9.84
N ASN A 102 -6.00 -0.26 9.40
CA ASN A 102 -5.56 -0.02 8.03
C ASN A 102 -6.28 -1.02 7.14
N GLY A 103 -7.50 -0.69 6.77
CA GLY A 103 -8.21 -1.61 5.93
C GLY A 103 -9.42 -0.97 5.32
N VAL A 104 -9.99 -1.63 4.32
CA VAL A 104 -11.20 -1.10 3.70
C VAL A 104 -12.34 -1.16 4.73
N GLY A 105 -13.39 -0.38 4.53
CA GLY A 105 -14.46 -0.39 5.50
C GLY A 105 -15.33 -1.60 5.36
N LYS A 106 -16.23 -1.79 6.29
CA LYS A 106 -17.18 -2.90 6.18
C LYS A 106 -18.50 -2.45 6.75
N ASP A 107 -19.53 -3.26 6.56
CA ASP A 107 -20.83 -2.95 7.06
C ASP A 107 -21.38 -1.62 6.65
N GLY A 108 -21.07 -1.22 5.42
CA GLY A 108 -21.67 0.01 4.93
C GLY A 108 -20.80 1.21 4.94
N TRP A 109 -19.56 1.05 5.43
CA TRP A 109 -18.59 2.14 5.49
C TRP A 109 -17.50 2.01 4.41
N THR A 110 -16.97 3.14 3.98
CA THR A 110 -15.92 3.17 2.97
C THR A 110 -14.51 2.74 3.47
N TRP A 111 -14.06 3.31 4.60
CA TRP A 111 -12.70 3.05 5.11
C TRP A 111 -12.87 2.67 6.57
N ASN A 112 -12.07 1.72 7.02
CA ASN A 112 -12.22 1.23 8.35
C ASN A 112 -11.86 2.12 9.57
N PRO A 113 -10.85 2.99 9.48
CA PRO A 113 -10.57 3.77 10.72
C PRO A 113 -11.71 4.49 11.43
N TRP A 114 -12.54 5.19 10.66
CA TRP A 114 -13.64 5.95 11.22
C TRP A 114 -14.83 5.74 10.33
N ASN A 115 -16.03 5.74 10.95
CA ASN A 115 -17.28 5.57 10.22
C ASN A 115 -17.48 6.96 9.59
N ASP A 116 -16.65 7.27 8.57
CA ASP A 116 -16.69 8.58 7.97
C ASP A 116 -17.35 8.79 6.63
N GLY A 117 -17.93 7.76 6.03
CA GLY A 117 -18.55 7.98 4.73
C GLY A 117 -19.22 6.70 4.26
N ARG A 118 -20.48 6.82 3.85
CA ARG A 118 -21.19 5.63 3.41
C ARG A 118 -20.44 4.90 2.26
N ALA A 119 -20.54 3.59 2.23
CA ALA A 119 -19.94 2.80 1.16
C ALA A 119 -20.67 3.19 -0.14
N PRO A 120 -19.95 3.15 -1.28
CA PRO A 120 -20.59 3.53 -2.55
C PRO A 120 -21.69 2.58 -3.02
N ASP A 121 -21.76 1.38 -2.48
CA ASP A 121 -22.77 0.44 -2.88
C ASP A 121 -23.99 0.42 -1.94
N ALA A 122 -24.97 -0.42 -2.25
CA ALA A 122 -26.19 -0.50 -1.46
C ALA A 122 -25.98 -0.66 0.04
N SER A 123 -24.87 -1.30 0.42
CA SER A 123 -24.60 -1.51 1.82
C SER A 123 -24.54 -0.18 2.58
N GLY A 124 -24.18 0.90 1.90
CA GLY A 124 -24.08 2.17 2.59
C GLY A 124 -25.30 3.07 2.48
N ASP A 125 -26.36 2.58 1.83
CA ASP A 125 -27.54 3.41 1.67
C ASP A 125 -28.13 3.91 2.99
N LYS A 126 -28.14 3.08 4.03
CA LYS A 126 -28.70 3.57 5.29
C LYS A 126 -27.93 4.81 5.79
N TYR A 127 -26.69 4.97 5.35
CA TYR A 127 -25.88 6.06 5.86
C TYR A 127 -26.01 7.32 5.10
N LYS A 128 -26.94 7.31 4.13
CA LYS A 128 -27.28 8.51 3.39
C LYS A 128 -27.99 9.45 4.40
N THR A 129 -28.63 8.88 5.43
CA THR A 129 -29.38 9.67 6.43
C THR A 129 -28.98 9.46 7.90
N ASP A 130 -28.46 8.28 8.22
CA ASP A 130 -28.00 7.89 9.56
C ASP A 130 -26.56 8.40 9.68
N ALA A 131 -26.30 9.23 10.68
CA ALA A 131 -24.98 9.82 10.92
C ALA A 131 -23.91 8.73 11.19
N GLY A 132 -24.32 7.63 11.77
CA GLY A 132 -23.37 6.60 12.10
C GLY A 132 -22.92 6.61 13.56
N ASP A 133 -22.41 5.47 14.02
CA ASP A 133 -21.98 5.31 15.40
C ASP A 133 -20.88 6.26 15.86
N ASP A 134 -19.95 6.59 14.95
CA ASP A 134 -18.88 7.48 15.39
C ASP A 134 -19.34 8.91 15.59
N VAL A 135 -20.22 9.39 14.72
CA VAL A 135 -20.69 10.75 14.96
C VAL A 135 -21.37 10.85 16.33
N ARG A 136 -22.11 9.80 16.73
CA ARG A 136 -22.84 9.83 18.00
C ARG A 136 -21.91 9.68 19.19
N PHE A 137 -20.91 8.85 19.02
CA PHE A 137 -19.93 8.65 20.06
C PHE A 137 -19.22 9.95 20.40
N LEU A 138 -18.68 10.62 19.37
CA LEU A 138 -17.95 11.86 19.58
C LEU A 138 -18.81 12.83 20.39
N GLU A 139 -20.09 13.00 20.03
CA GLU A 139 -20.90 13.96 20.81
C GLU A 139 -21.12 13.52 22.28
N ALA A 140 -21.46 12.25 22.46
CA ALA A 140 -21.74 11.66 23.77
C ALA A 140 -20.51 11.76 24.65
N MET A 141 -19.34 11.49 24.05
CA MET A 141 -18.08 11.59 24.75
C MET A 141 -17.89 13.00 25.36
N VAL A 142 -18.02 14.04 24.52
CA VAL A 142 -17.82 15.40 24.98
C VAL A 142 -18.89 15.72 26.00
N ARG A 143 -20.16 15.42 25.70
CA ARG A 143 -21.22 15.69 26.69
C ARG A 143 -20.90 15.04 28.05
N CYS A 144 -20.28 13.87 28.06
CA CYS A 144 -19.95 13.20 29.32
C CYS A 144 -18.78 13.86 30.05
N VAL A 145 -17.71 14.22 29.35
CA VAL A 145 -16.58 14.86 30.03
C VAL A 145 -17.08 16.13 30.72
N GLY A 146 -18.02 16.80 30.05
CA GLY A 146 -18.62 18.02 30.55
C GLY A 146 -19.32 17.89 31.91
N THR A 147 -19.41 16.68 32.47
CA THR A 147 -20.06 16.56 33.79
C THR A 147 -19.00 16.65 34.89
N LYS A 148 -17.74 16.48 34.55
CA LYS A 148 -16.70 16.55 35.55
C LYS A 148 -15.82 17.82 35.41
N TRP A 149 -15.69 18.36 34.20
CA TRP A 149 -14.95 19.62 34.00
C TRP A 149 -15.90 20.62 33.36
N LYS A 150 -15.74 21.92 33.63
CA LYS A 150 -16.64 22.89 33.03
C LYS A 150 -16.22 23.21 31.59
N LEU A 151 -17.07 22.86 30.63
CA LEU A 151 -16.77 23.09 29.20
C LEU A 151 -17.61 24.22 28.60
N ASP A 152 -17.14 24.84 27.51
CA ASP A 152 -17.89 25.93 26.87
C ASP A 152 -18.75 25.34 25.75
N ARG A 153 -20.05 25.22 25.98
CA ARG A 153 -20.98 24.66 25.00
C ARG A 153 -20.92 25.32 23.61
N LYS A 154 -20.47 26.56 23.55
CA LYS A 154 -20.39 27.28 22.27
C LYS A 154 -19.03 27.23 21.62
N ARG A 155 -18.12 26.48 22.22
CA ARG A 155 -16.75 26.33 21.72
C ARG A 155 -16.26 24.87 21.73
N LEU A 156 -17.06 23.99 21.13
CA LEU A 156 -16.70 22.58 21.04
C LEU A 156 -16.19 22.41 19.62
N PHE A 157 -14.92 22.09 19.45
CA PHE A 157 -14.33 21.96 18.12
C PHE A 157 -13.69 20.61 17.93
N LEU A 158 -13.86 20.04 16.74
CA LEU A 158 -13.21 18.79 16.48
C LEU A 158 -12.34 18.94 15.22
N GLY A 159 -11.43 18.00 15.08
CA GLY A 159 -10.50 18.05 13.97
C GLY A 159 -9.76 16.76 13.84
N GLY A 160 -8.99 16.66 12.76
CA GLY A 160 -8.25 15.44 12.52
C GLY A 160 -7.47 15.47 11.24
N ILE A 161 -6.61 14.47 11.11
CA ILE A 161 -5.75 14.30 9.95
C ILE A 161 -6.22 13.08 9.15
N SER A 162 -6.30 13.22 7.82
CA SER A 162 -6.66 12.10 6.94
C SER A 162 -8.02 11.45 7.29
N ALA A 163 -8.12 10.15 7.60
CA ALA A 163 -9.44 9.60 7.95
C ALA A 163 -10.05 10.44 9.11
N GLY A 164 -9.21 10.98 10.00
CA GLY A 164 -9.74 11.79 11.07
C GLY A 164 -10.29 13.14 10.55
N GLY A 165 -9.74 13.64 9.44
CA GLY A 165 -10.27 14.89 8.87
C GLY A 165 -11.58 14.55 8.16
N THR A 166 -11.63 13.35 7.56
CA THR A 166 -12.85 12.87 6.87
C THR A 166 -14.00 12.76 7.89
N MET A 167 -13.67 12.14 9.03
CA MET A 167 -14.61 11.98 10.15
C MET A 167 -15.01 13.35 10.66
N THR A 168 -14.09 14.32 10.68
CA THR A 168 -14.45 15.67 11.12
C THR A 168 -15.51 16.24 10.13
N ASN A 169 -15.23 16.15 8.81
CA ASN A 169 -16.21 16.61 7.81
C ASN A 169 -17.55 15.93 8.06
N ARG A 170 -17.55 14.60 8.25
CA ARG A 170 -18.87 13.96 8.46
C ARG A 170 -19.62 14.50 9.70
N ALA A 171 -18.91 14.65 10.81
CA ALA A 171 -19.57 15.13 12.04
C ALA A 171 -20.06 16.56 11.89
N LEU A 172 -19.32 17.40 11.15
CA LEU A 172 -19.77 18.79 10.96
C LEU A 172 -21.00 18.87 10.05
N LEU A 173 -21.13 17.87 9.17
CA LEU A 173 -22.24 17.83 8.24
C LEU A 173 -23.50 17.27 8.84
N PHE A 174 -23.33 16.26 9.67
CA PHE A 174 -24.46 15.61 10.34
C PHE A 174 -24.86 16.17 11.70
N ASP A 175 -23.92 16.79 12.40
CA ASP A 175 -24.19 17.24 13.75
C ASP A 175 -23.70 18.66 14.00
N SER A 176 -24.04 19.56 13.10
CA SER A 176 -23.63 20.93 13.28
C SER A 176 -24.34 21.62 14.46
N GLU A 177 -25.36 20.99 15.02
CA GLU A 177 -26.07 21.57 16.16
C GLU A 177 -25.16 21.50 17.39
N PHE A 178 -24.27 20.53 17.39
CA PHE A 178 -23.38 20.35 18.52
C PHE A 178 -22.07 21.15 18.43
N TRP A 179 -21.27 20.82 17.43
CA TRP A 179 -19.94 21.44 17.23
C TRP A 179 -20.00 22.90 16.77
N ALA A 180 -19.11 23.72 17.33
CA ALA A 180 -19.01 25.11 16.93
C ALA A 180 -18.18 25.20 15.64
N GLY A 181 -17.66 24.06 15.21
CA GLY A 181 -16.83 24.04 14.01
C GLY A 181 -15.69 23.01 14.16
N GLY A 182 -14.65 23.15 13.35
CA GLY A 182 -13.59 22.17 13.48
C GLY A 182 -12.54 22.36 12.42
N MET A 183 -11.51 21.52 12.49
CA MET A 183 -10.42 21.62 11.54
C MET A 183 -10.10 20.31 10.83
N PRO A 184 -10.76 20.06 9.69
CA PRO A 184 -10.52 18.84 8.93
C PRO A 184 -9.23 18.99 8.17
N ILE A 185 -8.21 18.22 8.54
CA ILE A 185 -6.96 18.32 7.82
C ILE A 185 -6.83 17.20 6.79
N SER A 186 -6.72 17.56 5.52
CA SER A 186 -6.63 16.58 4.45
C SER A 186 -7.60 15.42 4.61
N GLY A 187 -8.89 15.76 4.64
CA GLY A 187 -9.91 14.79 4.76
C GLY A 187 -10.52 14.46 3.43
N GLU A 188 -11.11 13.29 3.33
CA GLU A 188 -11.76 12.91 2.09
C GLU A 188 -13.14 13.56 2.02
N TRP A 189 -13.70 13.59 0.82
CA TRP A 189 -15.07 14.12 0.62
C TRP A 189 -15.92 13.01 -0.04
N TYR A 190 -15.21 12.01 -0.57
CA TYR A 190 -15.80 10.90 -1.31
C TYR A 190 -16.77 11.51 -2.31
N SER A 191 -16.28 12.40 -3.17
CA SER A 191 -17.17 13.04 -4.12
C SER A 191 -17.94 12.09 -4.98
N THR A 192 -19.22 12.43 -5.23
CA THR A 192 -20.06 11.62 -6.09
C THR A 192 -20.71 12.52 -7.16
N LYS A 193 -21.44 11.90 -8.06
CA LYS A 193 -22.17 12.67 -9.07
C LYS A 193 -23.38 13.23 -8.33
N ASP A 194 -24.08 14.17 -8.96
CA ASP A 194 -25.23 14.82 -8.33
C ASP A 194 -26.28 13.84 -7.85
N ASP A 195 -26.44 12.72 -8.53
CA ASP A 195 -27.45 11.75 -8.10
C ASP A 195 -26.93 10.83 -6.98
N GLY A 196 -25.73 11.12 -6.48
CA GLY A 196 -25.21 10.30 -5.41
C GLY A 196 -24.41 9.06 -5.80
N SER A 197 -24.28 8.80 -7.11
CA SER A 197 -23.57 7.60 -7.59
C SER A 197 -22.06 7.87 -7.61
N THR A 198 -21.24 6.83 -7.39
CA THR A 198 -19.76 6.99 -7.38
C THR A 198 -19.08 6.47 -8.66
N VAL A 199 -18.09 7.17 -9.17
CA VAL A 199 -17.31 6.68 -10.30
C VAL A 199 -15.90 6.59 -9.69
N PRO A 200 -15.03 5.73 -10.26
CA PRO A 200 -13.66 5.51 -9.78
C PRO A 200 -12.82 6.74 -9.51
N PHE A 201 -11.75 6.54 -8.77
CA PHE A 201 -10.84 7.60 -8.39
C PHE A 201 -10.43 8.54 -9.52
N GLN A 202 -9.93 7.99 -10.61
CA GLN A 202 -9.42 8.81 -11.71
C GLN A 202 -10.46 9.75 -12.32
N GLU A 203 -11.63 9.20 -12.63
CA GLU A 203 -12.73 9.97 -13.20
C GLU A 203 -13.14 11.02 -12.14
N THR A 204 -13.19 10.61 -10.87
CA THR A 204 -13.58 11.52 -9.80
C THR A 204 -12.65 12.69 -9.75
N ARG A 205 -11.34 12.44 -9.87
CA ARG A 205 -10.35 13.54 -9.84
C ARG A 205 -10.58 14.48 -11.00
N LYS A 206 -10.84 13.87 -12.17
CA LYS A 206 -11.01 14.68 -13.35
C LYS A 206 -12.31 15.47 -13.28
N MET A 207 -13.43 14.84 -12.89
CA MET A 207 -14.67 15.62 -12.89
C MET A 207 -14.57 16.85 -11.97
N VAL A 208 -13.82 16.73 -10.87
CA VAL A 208 -13.71 17.86 -9.99
C VAL A 208 -12.80 18.92 -10.60
N ALA A 209 -11.64 18.51 -11.14
CA ALA A 209 -10.73 19.48 -11.79
C ALA A 209 -11.43 20.18 -12.99
N ALA A 210 -12.44 19.53 -13.58
CA ALA A 210 -13.18 20.13 -14.68
C ALA A 210 -14.20 21.21 -14.17
N ALA A 211 -14.63 21.12 -12.91
CA ALA A 211 -15.58 22.06 -12.32
C ALA A 211 -15.14 22.34 -10.90
N PRO A 212 -14.01 23.03 -10.72
CA PRO A 212 -13.47 23.36 -9.40
C PRO A 212 -14.24 24.28 -8.45
N ALA A 213 -15.32 24.92 -8.93
CA ALA A 213 -16.08 25.81 -8.04
C ALA A 213 -17.44 25.23 -7.73
N LYS A 214 -17.76 24.16 -8.43
CA LYS A 214 -19.02 23.50 -8.21
C LYS A 214 -19.16 22.92 -6.81
N ILE A 215 -20.41 22.85 -6.31
CA ILE A 215 -20.68 22.24 -5.01
C ILE A 215 -20.83 20.79 -5.38
N TRP A 216 -19.91 19.96 -4.91
CA TRP A 216 -19.99 18.53 -5.18
C TRP A 216 -20.59 17.76 -4.01
N GLN A 217 -21.49 16.85 -4.31
CA GLN A 217 -22.09 15.97 -3.31
C GLN A 217 -20.97 15.02 -2.88
N GLY A 218 -21.13 14.31 -1.77
CA GLY A 218 -20.07 13.40 -1.34
C GLY A 218 -20.58 12.39 -0.33
N ARG A 219 -20.02 11.17 -0.30
CA ARG A 219 -20.48 10.15 0.63
C ARG A 219 -20.06 10.45 2.10
N VAL A 220 -19.26 11.49 2.27
CA VAL A 220 -18.83 11.83 3.65
C VAL A 220 -20.02 12.40 4.40
N GLY A 221 -20.99 12.92 3.64
CA GLY A 221 -22.13 13.56 4.30
C GLY A 221 -23.50 13.00 4.00
N PRO A 222 -24.54 13.70 4.43
CA PRO A 222 -25.86 13.18 4.14
C PRO A 222 -26.11 13.25 2.63
N TYR A 223 -27.02 12.44 2.11
CA TYR A 223 -27.37 12.56 0.69
C TYR A 223 -28.84 12.91 0.63
N PRO A 224 -29.17 14.07 0.08
CA PRO A 224 -28.22 15.05 -0.46
C PRO A 224 -27.59 15.84 0.68
N LEU A 225 -26.56 16.62 0.38
CA LEU A 225 -25.93 17.46 1.39
C LEU A 225 -26.95 18.52 1.86
N PRO A 226 -26.86 18.93 3.13
CA PRO A 226 -27.75 19.94 3.70
C PRO A 226 -27.69 21.29 2.98
N SER A 227 -28.86 21.92 2.82
CA SER A 227 -28.91 23.24 2.21
C SER A 227 -28.67 24.26 3.34
N LYS A 228 -28.70 23.77 4.57
CA LYS A 228 -28.43 24.63 5.70
C LYS A 228 -27.81 23.88 6.89
N LEU A 229 -27.04 24.62 7.69
CA LEU A 229 -26.42 24.04 8.88
C LEU A 229 -26.48 25.07 10.01
N ASP A 230 -26.29 24.59 11.23
CA ASP A 230 -26.22 25.43 12.42
C ASP A 230 -24.91 26.24 12.24
N PRO A 231 -24.77 27.42 12.90
CA PRO A 231 -23.58 28.30 12.81
C PRO A 231 -22.28 27.61 13.26
N MET A 232 -21.24 27.79 12.44
CA MET A 232 -19.93 27.17 12.70
C MET A 232 -18.80 27.89 12.02
N VAL A 233 -17.58 27.58 12.47
CA VAL A 233 -16.36 28.08 11.82
C VAL A 233 -15.56 26.79 11.44
N VAL A 234 -15.13 26.72 10.20
CA VAL A 234 -14.40 25.52 9.71
C VAL A 234 -13.10 25.90 9.04
N ILE A 235 -12.00 25.29 9.50
CA ILE A 235 -10.68 25.55 8.91
C ILE A 235 -10.28 24.28 8.18
N THR A 236 -10.26 24.32 6.84
CA THR A 236 -9.87 23.15 6.03
C THR A 236 -8.40 23.32 5.75
N VAL A 237 -7.62 22.25 5.94
CA VAL A 237 -6.20 22.36 5.69
C VAL A 237 -5.77 21.37 4.58
N TRP A 238 -5.06 21.88 3.57
CA TRP A 238 -4.53 21.09 2.47
C TRP A 238 -3.00 21.12 2.61
N GLY A 239 -2.34 19.99 2.41
CA GLY A 239 -0.87 19.97 2.59
C GLY A 239 -0.03 20.19 1.34
N GLY A 240 -0.66 20.69 0.26
CA GLY A 240 0.08 20.95 -0.98
C GLY A 240 0.18 19.82 -2.01
N GLU A 241 1.08 19.98 -2.96
CA GLU A 241 1.24 19.01 -4.05
C GLU A 241 1.37 17.58 -3.64
N LYS A 242 2.10 17.32 -2.57
CA LYS A 242 2.29 15.94 -2.17
C LYS A 242 1.21 15.42 -1.23
N ASP A 243 0.18 16.24 -1.01
CA ASP A 243 -0.93 15.79 -0.14
C ASP A 243 -1.82 14.77 -0.90
N LEU A 244 -1.37 13.52 -0.87
CA LEU A 244 -1.97 12.36 -1.53
C LEU A 244 -1.86 11.13 -0.63
N TRP A 245 -2.71 10.14 -0.87
CA TRP A 245 -2.64 8.89 -0.12
C TRP A 245 -2.44 7.76 -1.14
N ASP A 246 -1.32 7.08 -1.00
CA ASP A 246 -0.93 6.03 -1.92
C ASP A 246 -0.48 4.88 -1.05
N CYS A 247 -1.10 3.72 -1.16
CA CYS A 247 -0.72 2.63 -0.32
C CYS A 247 0.00 1.49 -1.03
N GLY A 248 0.54 1.76 -2.20
CA GLY A 248 1.24 0.70 -2.89
C GLY A 248 0.25 -0.19 -3.61
N PRO A 249 0.76 -1.03 -4.52
CA PRO A 249 0.04 -1.99 -5.35
C PRO A 249 -0.71 -2.92 -4.42
N PRO A 250 -1.88 -3.40 -4.86
CA PRO A 250 -2.51 -3.10 -6.17
C PRO A 250 -3.33 -1.80 -6.22
N LEU A 251 -3.73 -1.30 -5.04
CA LEU A 251 -4.57 -0.10 -4.97
C LEU A 251 -3.88 1.16 -5.46
N GLY A 252 -2.63 1.31 -5.05
CA GLY A 252 -1.88 2.49 -5.44
C GLY A 252 -2.45 3.81 -4.89
N LEU A 253 -2.41 4.83 -5.74
CA LEU A 253 -2.91 6.13 -5.38
C LEU A 253 -4.42 6.06 -5.29
N CYS A 254 -4.97 6.19 -4.11
CA CYS A 254 -6.42 6.17 -4.09
C CYS A 254 -7.13 7.40 -3.52
N SER A 255 -6.42 8.38 -2.97
CA SER A 255 -7.03 9.63 -2.52
C SER A 255 -6.07 10.77 -2.88
N ASP A 256 -6.61 11.84 -3.44
CA ASP A 256 -5.83 13.01 -3.77
C ASP A 256 -6.56 14.12 -3.02
N TYR A 257 -5.94 14.73 -2.04
CA TYR A 257 -6.62 15.71 -1.28
C TYR A 257 -6.78 17.08 -1.91
N ARG A 258 -6.39 17.23 -3.17
CA ARG A 258 -6.58 18.55 -3.79
C ARG A 258 -8.08 18.66 -4.10
N PRO A 259 -8.62 17.71 -4.84
CA PRO A 259 -10.05 17.86 -5.10
C PRO A 259 -10.92 17.73 -3.85
N THR A 260 -10.46 16.94 -2.88
CA THR A 260 -11.32 16.81 -1.71
C THR A 260 -11.36 18.02 -0.84
N THR A 261 -10.26 18.74 -0.69
CA THR A 261 -10.31 19.94 0.16
C THR A 261 -10.92 21.09 -0.68
N GLN A 262 -10.86 20.96 -2.01
CA GLN A 262 -11.51 21.99 -2.82
C GLN A 262 -13.03 21.82 -2.65
N ALA A 263 -13.50 20.59 -2.84
CA ALA A 263 -14.90 20.29 -2.74
C ALA A 263 -15.45 20.67 -1.37
N SER A 264 -14.75 20.30 -0.30
CA SER A 264 -15.24 20.66 1.01
C SER A 264 -15.23 22.17 1.16
N SER A 265 -14.17 22.86 0.70
CA SER A 265 -14.15 24.30 0.89
C SER A 265 -15.32 24.97 0.15
N ASN A 266 -15.68 24.45 -1.02
CA ASN A 266 -16.75 25.00 -1.83
C ASN A 266 -18.10 24.92 -1.10
N TYR A 267 -18.38 23.74 -0.57
CA TYR A 267 -19.62 23.52 0.16
C TYR A 267 -19.79 24.41 1.41
N PHE A 268 -18.80 24.36 2.33
CA PHE A 268 -18.88 25.17 3.54
C PHE A 268 -18.87 26.68 3.24
N SER A 269 -18.17 27.07 2.18
CA SER A 269 -18.14 28.48 1.83
C SER A 269 -19.51 28.91 1.27
N SER A 270 -20.33 27.94 0.85
CA SER A 270 -21.60 28.26 0.27
C SER A 270 -22.71 28.34 1.30
N ILE A 271 -22.41 27.97 2.55
CA ILE A 271 -23.39 28.02 3.61
C ILE A 271 -23.19 29.34 4.35
N SER A 272 -24.12 30.27 4.16
CA SER A 272 -24.00 31.60 4.72
C SER A 272 -23.72 31.76 6.19
N ASN A 273 -24.29 30.92 7.06
CA ASN A 273 -24.04 31.09 8.48
C ASN A 273 -22.80 30.34 8.98
N VAL A 274 -22.03 29.78 8.03
CA VAL A 274 -20.77 29.09 8.37
C VAL A 274 -19.54 29.85 7.83
N VAL A 275 -18.58 30.14 8.68
CA VAL A 275 -17.37 30.79 8.26
C VAL A 275 -16.41 29.63 7.86
N HIS A 276 -15.84 29.72 6.66
CA HIS A 276 -14.87 28.71 6.20
C HIS A 276 -13.56 29.39 5.96
N VAL A 277 -12.48 28.75 6.40
CA VAL A 277 -11.14 29.26 6.22
C VAL A 277 -10.36 28.18 5.45
N ALA A 278 -9.77 28.57 4.33
CA ALA A 278 -9.00 27.66 3.49
C ALA A 278 -7.53 27.90 3.72
N CYS A 279 -6.86 26.92 4.34
CA CYS A 279 -5.45 26.99 4.66
C CYS A 279 -4.64 26.06 3.81
N SER A 280 -3.58 26.60 3.21
CA SER A 280 -2.71 25.84 2.34
C SER A 280 -1.38 25.76 3.03
N ALA A 281 -0.81 24.56 3.08
CA ALA A 281 0.47 24.32 3.76
C ALA A 281 1.32 23.50 2.77
N THR A 282 2.52 23.06 3.16
CA THR A 282 3.39 22.33 2.21
C THR A 282 3.96 21.01 2.76
N HIS A 283 3.41 20.52 3.85
CA HIS A 283 3.92 19.30 4.44
C HIS A 283 3.49 17.96 3.88
N GLY A 284 2.63 17.95 2.88
CA GLY A 284 2.22 16.67 2.34
C GLY A 284 1.02 16.14 3.12
N HIS A 285 0.98 14.82 3.36
CA HIS A 285 -0.17 14.20 4.03
C HIS A 285 0.21 13.64 5.41
N MET A 286 0.08 14.45 6.45
CA MET A 286 0.40 14.06 7.83
C MET A 286 0.07 15.27 8.61
N TRP A 287 0.18 15.24 9.92
CA TRP A 287 -0.13 16.43 10.70
C TRP A 287 0.77 17.58 10.27
N PRO A 288 0.26 18.82 10.25
CA PRO A 288 1.07 20.03 9.85
C PRO A 288 2.43 19.95 10.55
N GLN A 289 3.50 19.95 9.75
CA GLN A 289 4.86 19.78 10.28
C GLN A 289 5.67 21.04 10.55
N VAL A 290 5.35 22.14 9.87
CA VAL A 290 6.12 23.42 10.04
C VAL A 290 5.49 24.24 11.16
N ASN A 291 6.28 24.62 12.14
CA ASN A 291 5.80 25.42 13.28
C ASN A 291 4.56 24.77 13.89
N THR A 292 4.68 23.47 14.11
CA THR A 292 3.51 22.70 14.56
C THR A 292 2.73 23.26 15.72
N ASP A 293 3.44 23.49 16.81
CA ASP A 293 2.80 23.95 18.01
C ASP A 293 2.13 25.30 17.78
N ALA A 294 2.82 26.17 17.08
CA ALA A 294 2.28 27.50 16.83
C ALA A 294 1.04 27.42 15.93
N PHE A 295 1.10 26.58 14.90
CA PHE A 295 -0.02 26.41 14.00
C PHE A 295 -1.26 25.89 14.73
N ASN A 296 -1.08 24.84 15.52
CA ASN A 296 -2.18 24.27 16.24
C ASN A 296 -2.86 25.33 17.13
N LEU A 297 -2.06 26.07 17.87
CA LEU A 297 -2.60 27.09 18.77
C LEU A 297 -3.24 28.27 17.99
N TRP A 298 -2.66 28.61 16.84
CA TRP A 298 -3.23 29.65 16.01
C TRP A 298 -4.56 29.19 15.54
N ALA A 299 -4.63 27.97 15.05
CA ALA A 299 -5.88 27.46 14.49
C ALA A 299 -6.99 27.38 15.56
N LEU A 300 -6.65 26.85 16.73
CA LEU A 300 -7.68 26.74 17.77
C LEU A 300 -8.10 28.11 18.29
N ASN A 301 -7.16 29.02 18.53
CA ASN A 301 -7.56 30.38 18.97
C ASN A 301 -8.44 31.04 17.90
N THR A 302 -8.14 30.79 16.61
CA THR A 302 -8.93 31.36 15.53
C THR A 302 -10.39 30.79 15.64
N MET A 303 -10.52 29.48 15.85
CA MET A 303 -11.86 28.94 15.99
C MET A 303 -12.51 29.45 17.30
N ALA A 304 -11.72 29.56 18.34
CA ALA A 304 -12.28 30.00 19.61
C ALA A 304 -12.74 31.46 19.53
N SER A 305 -12.29 32.19 18.52
CA SER A 305 -12.67 33.59 18.37
C SER A 305 -14.03 33.72 17.70
N HIS A 306 -14.61 32.58 17.34
CA HIS A 306 -15.88 32.62 16.66
C HIS A 306 -16.78 31.57 17.31
N PRO A 307 -17.23 31.81 18.54
CA PRO A 307 -18.09 30.86 19.24
C PRO A 307 -19.41 30.62 18.48
N LYS A 308 -19.97 29.45 18.69
CA LYS A 308 -21.21 29.06 18.03
C LYS A 308 -22.24 30.17 18.17
N GLY A 309 -22.78 30.59 17.04
CA GLY A 309 -23.76 31.66 17.02
C GLY A 309 -23.18 33.01 16.67
N SER A 310 -21.90 33.07 16.26
CA SER A 310 -21.31 34.36 15.88
C SER A 310 -21.69 34.69 14.46
N SER A 311 -21.72 35.97 14.14
CA SER A 311 -22.07 36.34 12.80
C SER A 311 -20.83 36.31 11.91
N PRO A 312 -20.96 35.73 10.72
CA PRO A 312 -19.86 35.63 9.78
C PRO A 312 -19.22 36.97 9.52
N LYS A 313 -20.06 38.00 9.41
CA LYS A 313 -19.56 39.34 9.14
C LYS A 313 -18.60 39.87 10.20
N ASP A 314 -18.64 39.32 11.40
CA ASP A 314 -17.70 39.79 12.44
C ASP A 314 -16.39 39.01 12.57
N PHE A 315 -16.28 37.90 11.86
CA PHE A 315 -15.06 37.05 11.92
C PHE A 315 -13.84 37.82 11.40
N LYS A 316 -12.74 37.72 12.10
CA LYS A 316 -11.51 38.37 11.66
C LYS A 316 -10.44 37.28 11.60
N LEU A 317 -9.77 37.15 10.46
CA LEU A 317 -8.71 36.13 10.28
C LEU A 317 -7.35 36.77 10.51
N THR A 318 -6.56 36.26 11.44
CA THR A 318 -5.24 36.84 11.64
C THR A 318 -4.22 35.98 10.86
N ALA A 319 -3.00 36.46 10.68
CA ALA A 319 -2.03 35.69 9.92
C ALA A 319 -1.54 34.44 10.64
N PRO A 320 -1.54 33.30 9.93
CA PRO A 320 -1.07 32.06 10.57
C PRO A 320 0.47 32.09 10.63
N PRO A 321 1.08 31.09 11.31
CA PRO A 321 2.54 31.09 11.38
C PRO A 321 3.10 30.91 9.97
N GLU A 322 4.38 31.14 9.83
CA GLU A 322 5.05 30.94 8.54
C GLU A 322 4.86 29.44 8.19
N GLY A 323 4.64 29.17 6.90
CA GLY A 323 4.43 27.82 6.39
C GLY A 323 2.99 27.65 5.95
N TYR A 324 2.18 28.67 6.19
CA TYR A 324 0.76 28.59 5.88
C TYR A 324 0.24 29.84 5.21
N SER A 325 -0.78 29.65 4.39
CA SER A 325 -1.42 30.74 3.70
C SER A 325 -2.92 30.44 3.78
N CYS A 326 -3.65 31.24 4.54
CA CYS A 326 -5.10 31.02 4.67
C CYS A 326 -5.93 32.23 4.13
N LYS A 327 -7.11 31.92 3.60
CA LYS A 327 -8.01 32.93 3.07
C LYS A 327 -9.43 32.55 3.53
N ILE A 328 -10.32 33.53 3.70
CA ILE A 328 -11.68 33.21 4.06
C ILE A 328 -12.31 32.71 2.77
N GLY A 329 -13.22 31.74 2.85
CA GLY A 329 -13.84 31.25 1.64
C GLY A 329 -13.28 29.95 1.02
N ARG A 330 -13.55 29.70 -0.27
CA ARG A 330 -13.07 28.48 -0.91
C ARG A 330 -11.62 28.56 -1.36
N PHE A 331 -11.00 27.42 -1.61
CA PHE A 331 -9.62 27.47 -2.09
C PHE A 331 -9.60 28.08 -3.52
N THR A 332 -8.60 28.93 -3.80
CA THR A 332 -8.45 29.51 -5.13
C THR A 332 -7.08 29.04 -5.65
N ASP A 333 -6.31 28.38 -4.77
CA ASP A 333 -5.00 27.89 -5.17
C ASP A 333 -4.84 26.42 -5.59
N HIS A 334 -5.94 25.66 -5.69
CA HIS A 334 -5.87 24.26 -6.09
C HIS A 334 -5.93 24.05 -7.62
N TYR A 335 -6.78 24.82 -8.32
CA TYR A 335 -6.91 24.70 -9.78
C TYR A 335 -6.68 26.03 -10.54
N LYS A 336 -6.20 25.90 -11.78
CA LYS A 336 -5.99 27.04 -12.68
C LYS A 336 -6.84 26.73 -13.93
N SER B 8 -12.68 -16.78 -45.62
CA SER B 8 -11.58 -17.56 -44.95
C SER B 8 -11.47 -17.25 -43.45
N GLU B 9 -11.39 -18.31 -42.63
CA GLU B 9 -11.28 -18.13 -41.19
C GLU B 9 -9.94 -17.46 -40.77
N TRP B 10 -8.93 -17.53 -41.64
CA TRP B 10 -7.63 -16.98 -41.27
C TRP B 10 -7.20 -15.70 -41.99
N ALA B 11 -6.59 -14.79 -41.23
CA ALA B 11 -6.14 -13.51 -41.77
C ALA B 11 -5.31 -12.73 -40.77
N CYS B 12 -4.40 -11.88 -41.29
CA CYS B 12 -3.57 -11.06 -40.43
C CYS B 12 -3.88 -9.61 -40.71
N PRO B 13 -3.43 -8.70 -39.83
CA PRO B 13 -3.70 -7.28 -40.07
C PRO B 13 -2.66 -6.84 -41.10
N GLU B 14 -3.08 -5.90 -41.94
CA GLU B 14 -2.24 -5.37 -43.00
C GLU B 14 -0.90 -4.91 -42.44
N GLY B 15 0.17 -5.55 -42.89
CA GLY B 15 1.49 -5.15 -42.44
C GLY B 15 2.08 -6.04 -41.37
N PHE B 16 1.31 -7.02 -40.91
CA PHE B 16 1.81 -7.90 -39.87
C PHE B 16 2.01 -9.32 -40.37
N THR B 17 3.05 -9.97 -39.87
CA THR B 17 3.34 -11.34 -40.23
C THR B 17 3.74 -12.19 -38.98
N PRO B 18 2.98 -13.27 -38.68
CA PRO B 18 3.30 -14.09 -37.51
C PRO B 18 4.58 -14.87 -37.67
N LYS B 19 5.21 -15.25 -36.58
CA LYS B 19 6.43 -16.00 -36.66
C LYS B 19 6.57 -16.77 -35.38
N ALA B 20 7.42 -17.79 -35.36
CA ALA B 20 7.64 -18.60 -34.18
C ALA B 20 8.23 -17.68 -33.15
N GLY B 21 7.94 -17.93 -31.88
CA GLY B 21 8.50 -17.09 -30.82
C GLY B 21 7.75 -15.79 -30.58
N LEU B 22 8.43 -14.82 -29.97
CA LEU B 22 7.82 -13.51 -29.66
C LEU B 22 7.46 -12.70 -30.89
N ASN B 23 6.22 -12.22 -30.91
CA ASN B 23 5.73 -11.35 -31.95
C ASN B 23 5.36 -10.07 -31.18
N THR B 24 5.64 -8.90 -31.78
CA THR B 24 5.31 -7.65 -31.16
C THR B 24 4.62 -6.78 -32.18
N ASP B 25 4.16 -5.64 -31.72
CA ASP B 25 3.48 -4.70 -32.59
C ASP B 25 2.28 -5.19 -33.39
N PHE B 26 1.56 -6.17 -32.86
CA PHE B 26 0.37 -6.65 -33.53
C PHE B 26 -0.74 -5.62 -33.34
N PRO B 27 -1.31 -5.11 -34.45
CA PRO B 27 -2.39 -4.11 -34.35
C PRO B 27 -3.80 -4.60 -33.97
N SER B 28 -4.27 -4.15 -32.82
CA SER B 28 -5.59 -4.53 -32.33
C SER B 28 -6.28 -3.39 -31.61
N ASP B 29 -7.45 -3.01 -32.12
CA ASP B 29 -8.25 -1.89 -31.60
C ASP B 29 -7.39 -0.66 -31.32
N GLY B 30 -6.40 -0.42 -32.18
CA GLY B 30 -5.53 0.72 -32.01
C GLY B 30 -4.34 0.61 -31.08
N LYS B 31 -4.10 -0.58 -30.51
CA LYS B 31 -2.96 -0.79 -29.60
C LYS B 31 -1.89 -1.70 -30.24
N LYS B 32 -0.69 -1.73 -29.69
CA LYS B 32 0.36 -2.59 -30.20
C LYS B 32 0.45 -3.76 -29.25
N ARG B 33 0.12 -4.95 -29.72
CA ARG B 33 0.10 -6.12 -28.84
C ARG B 33 1.17 -7.11 -29.19
N ALA B 34 1.50 -7.96 -28.21
CA ALA B 34 2.51 -8.99 -28.35
C ALA B 34 1.95 -10.34 -27.87
N PHE B 35 2.61 -11.41 -28.33
CA PHE B 35 2.27 -12.80 -27.99
C PHE B 35 3.40 -13.72 -28.44
N VAL B 36 3.51 -14.87 -27.80
CA VAL B 36 4.53 -15.84 -28.10
C VAL B 36 3.92 -17.09 -28.76
N VAL B 37 4.45 -17.46 -29.92
CA VAL B 37 3.99 -18.65 -30.68
C VAL B 37 4.96 -19.85 -30.48
N VAL B 38 4.44 -21.02 -30.09
CA VAL B 38 5.26 -22.24 -29.94
C VAL B 38 4.54 -23.28 -30.79
N PRO B 39 4.90 -23.39 -32.09
CA PRO B 39 4.29 -24.32 -33.05
C PRO B 39 4.54 -25.80 -32.71
N PRO B 40 3.63 -26.70 -33.13
CA PRO B 40 3.85 -28.14 -32.84
C PRO B 40 4.75 -28.70 -33.97
N LYS B 41 5.41 -29.86 -33.72
CA LYS B 41 6.29 -30.54 -34.71
C LYS B 41 5.55 -30.78 -36.04
N ASP B 42 4.35 -31.34 -35.98
CA ASP B 42 3.56 -31.58 -37.19
C ASP B 42 2.10 -31.12 -36.98
N SER B 43 1.58 -30.36 -37.94
CA SER B 43 0.23 -29.82 -37.86
C SER B 43 -0.54 -30.72 -38.78
N ALA B 44 -0.67 -31.99 -38.37
CA ALA B 44 -1.34 -33.08 -39.10
C ALA B 44 -2.63 -32.68 -39.83
N GLY B 45 -2.53 -31.77 -40.81
CA GLY B 45 -3.70 -31.30 -41.52
C GLY B 45 -4.37 -30.13 -40.81
N GLY B 46 -4.18 -30.03 -39.48
CA GLY B 46 -4.76 -28.94 -38.68
C GLY B 46 -4.50 -29.11 -37.19
N ALA B 47 -3.64 -28.28 -36.59
CA ALA B 47 -3.39 -28.46 -35.17
C ALA B 47 -4.37 -27.82 -34.20
N PRO B 48 -4.71 -28.54 -33.12
CA PRO B 48 -5.64 -27.94 -32.15
C PRO B 48 -4.83 -26.79 -31.48
N VAL B 49 -5.50 -25.78 -30.96
CA VAL B 49 -4.82 -24.65 -30.34
C VAL B 49 -5.02 -24.47 -28.82
N TRP B 50 -3.93 -24.14 -28.11
CA TRP B 50 -3.95 -23.88 -26.69
C TRP B 50 -3.44 -22.45 -26.45
N VAL B 51 -4.24 -21.59 -25.84
CA VAL B 51 -3.90 -20.20 -25.55
C VAL B 51 -3.89 -20.01 -24.02
N PRO B 52 -2.74 -20.23 -23.37
CA PRO B 52 -2.64 -20.09 -21.91
C PRO B 52 -2.34 -18.67 -21.51
N MET B 53 -2.99 -18.21 -20.44
CA MET B 53 -2.80 -16.83 -19.97
C MET B 53 -2.39 -16.75 -18.53
N VAL B 54 -1.42 -15.87 -18.24
CA VAL B 54 -1.00 -15.65 -16.88
C VAL B 54 -2.03 -14.73 -16.20
N GLY B 55 -1.79 -14.55 -14.92
CA GLY B 55 -2.66 -13.71 -14.12
C GLY B 55 -1.99 -12.40 -13.78
N THR B 56 -1.92 -12.14 -12.49
CA THR B 56 -1.41 -10.87 -12.05
C THR B 56 0.08 -10.70 -11.94
N VAL B 57 0.78 -11.70 -11.39
CA VAL B 57 2.21 -11.58 -11.14
C VAL B 57 3.20 -12.44 -11.90
N GLU B 58 2.74 -13.28 -12.80
CA GLU B 58 3.64 -14.13 -13.57
C GLU B 58 3.84 -13.68 -15.00
N ALA B 59 5.06 -13.78 -15.48
CA ALA B 59 5.36 -13.39 -16.83
C ALA B 59 4.89 -14.46 -17.83
N THR B 60 4.51 -14.00 -19.02
CA THR B 60 4.06 -14.89 -20.08
C THR B 60 5.12 -15.96 -20.34
N ASN B 61 6.40 -15.57 -20.47
CA ASN B 61 7.43 -16.60 -20.69
C ASN B 61 7.56 -17.59 -19.56
N TRP B 62 7.18 -17.22 -18.33
CA TRP B 62 7.28 -18.20 -17.24
C TRP B 62 6.14 -19.22 -17.40
N ASN B 63 4.98 -18.73 -17.83
CA ASN B 63 3.85 -19.62 -18.03
C ASN B 63 4.22 -20.67 -19.10
N LEU B 64 4.97 -20.26 -20.11
CA LEU B 64 5.36 -21.20 -21.16
C LEU B 64 6.53 -22.11 -20.79
N ASN B 65 7.54 -21.57 -20.13
CA ASN B 65 8.77 -22.33 -19.84
C ASN B 65 9.17 -22.70 -18.44
N VAL B 66 8.53 -22.16 -17.42
CA VAL B 66 8.91 -22.49 -16.05
C VAL B 66 7.91 -23.46 -15.50
N PRO B 67 8.38 -24.57 -14.89
CA PRO B 67 7.51 -25.59 -14.33
C PRO B 67 6.50 -25.13 -13.31
N ARG B 68 6.94 -24.35 -12.34
CA ARG B 68 6.05 -23.86 -11.27
C ARG B 68 4.89 -22.97 -11.80
N SER B 69 5.10 -22.37 -12.95
CA SER B 69 4.12 -21.48 -13.56
C SER B 69 3.34 -22.15 -14.67
N GLY B 70 3.60 -23.44 -14.90
CA GLY B 70 2.85 -24.11 -15.95
C GLY B 70 3.57 -24.91 -17.00
N ASN B 71 4.70 -24.40 -17.48
CA ASN B 71 5.46 -25.09 -18.52
C ASN B 71 4.53 -25.46 -19.69
N ASN B 72 3.62 -24.54 -20.02
CA ASN B 72 2.68 -24.77 -21.06
C ASN B 72 3.27 -24.94 -22.44
N ALA B 73 4.53 -24.62 -22.66
CA ALA B 73 5.08 -24.75 -23.99
C ALA B 73 5.26 -26.21 -24.32
N LYS B 74 5.27 -27.02 -23.27
CA LYS B 74 5.44 -28.45 -23.37
C LYS B 74 4.30 -29.09 -24.17
N LEU B 75 3.11 -28.48 -24.20
CA LEU B 75 2.01 -29.06 -24.96
C LEU B 75 2.34 -29.08 -26.48
N ALA B 76 3.25 -28.22 -26.92
CA ALA B 76 3.60 -28.18 -28.32
C ALA B 76 4.31 -29.50 -28.70
N GLU B 77 4.86 -30.20 -27.71
CA GLU B 77 5.54 -31.46 -28.00
C GLU B 77 4.51 -32.56 -28.23
N HIS B 78 3.25 -32.24 -27.93
CA HIS B 78 2.17 -33.21 -28.06
C HIS B 78 1.18 -32.89 -29.15
N GLY B 79 1.56 -32.04 -30.09
CA GLY B 79 0.70 -31.73 -31.23
C GLY B 79 -0.11 -30.47 -31.18
N TYR B 80 -0.01 -29.71 -30.09
CA TYR B 80 -0.79 -28.47 -29.98
C TYR B 80 -0.01 -27.24 -30.41
N MET B 81 -0.67 -26.32 -31.08
CA MET B 81 -0.05 -25.04 -31.40
C MET B 81 -0.33 -24.25 -30.10
N VAL B 82 0.72 -23.77 -29.41
CA VAL B 82 0.57 -23.00 -28.16
C VAL B 82 0.83 -21.53 -28.44
N ILE B 83 -0.11 -20.65 -28.08
CA ILE B 83 0.04 -19.22 -28.36
C ILE B 83 -0.30 -18.51 -27.02
N SER B 84 0.68 -17.78 -26.45
CA SER B 84 0.47 -17.09 -25.18
C SER B 84 0.56 -15.57 -25.35
N PRO B 85 -0.60 -14.90 -25.14
CA PRO B 85 -0.74 -13.45 -25.27
C PRO B 85 -0.11 -12.68 -24.15
N VAL B 86 0.47 -11.53 -24.48
CA VAL B 86 1.08 -10.70 -23.44
C VAL B 86 0.05 -9.65 -22.98
N ARG B 87 -0.04 -9.38 -21.66
CA ARG B 87 -1.00 -8.41 -21.13
C ARG B 87 -0.66 -6.98 -21.56
N GLN B 88 -1.69 -6.16 -21.76
CA GLN B 88 -1.50 -4.76 -22.12
C GLN B 88 -0.55 -4.04 -21.16
N CYS B 89 -0.81 -4.19 -19.85
CA CYS B 89 0.00 -3.54 -18.80
C CYS B 89 1.46 -3.95 -18.87
N ALA B 90 1.78 -5.02 -19.60
CA ALA B 90 3.17 -5.46 -19.62
C ALA B 90 3.93 -4.75 -20.75
N GLU B 91 3.21 -3.97 -21.54
CA GLU B 91 3.80 -3.24 -22.68
C GLU B 91 4.68 -4.16 -23.51
N GLN B 92 4.06 -5.19 -24.07
CA GLN B 92 4.73 -6.14 -24.94
C GLN B 92 5.94 -6.87 -24.44
N ASP B 93 6.15 -6.88 -23.13
CA ASP B 93 7.30 -7.56 -22.55
C ASP B 93 6.99 -8.96 -21.96
N PRO B 94 7.29 -10.01 -22.70
CA PRO B 94 7.02 -11.37 -22.20
C PRO B 94 7.75 -11.77 -20.92
N ASN B 95 8.69 -10.97 -20.43
CA ASN B 95 9.40 -11.36 -19.22
C ASN B 95 9.02 -10.61 -17.95
N LEU B 96 8.13 -9.61 -18.11
CA LEU B 96 7.62 -8.78 -17.01
C LEU B 96 6.61 -9.60 -16.21
N GLY B 97 6.92 -9.83 -14.94
CA GLY B 97 6.05 -10.63 -14.09
C GLY B 97 4.87 -9.84 -13.51
N ALA B 98 5.14 -8.73 -12.80
CA ALA B 98 4.07 -7.95 -12.18
C ALA B 98 4.08 -6.52 -12.68
N GLY B 99 4.96 -5.69 -12.13
CA GLY B 99 5.01 -4.32 -12.57
C GLY B 99 3.66 -3.64 -12.44
N ALA B 100 3.29 -2.88 -13.45
CA ALA B 100 2.03 -2.16 -13.50
C ALA B 100 0.84 -3.11 -13.60
N CYS B 101 1.12 -4.40 -13.81
CA CYS B 101 0.04 -5.36 -13.95
C CYS B 101 -0.59 -5.62 -12.63
N ASN B 102 0.16 -5.46 -11.56
CA ASN B 102 -0.41 -5.71 -10.27
C ASN B 102 -1.13 -4.44 -9.84
N GLY B 103 -2.36 -4.25 -10.34
CA GLY B 103 -3.08 -3.04 -9.97
C GLY B 103 -4.59 -3.17 -10.19
N VAL B 104 -5.35 -2.28 -9.58
CA VAL B 104 -6.80 -2.26 -9.77
C VAL B 104 -7.05 -1.81 -11.21
N GLY B 105 -8.19 -2.18 -11.80
CA GLY B 105 -8.44 -1.78 -13.19
C GLY B 105 -8.70 -0.29 -13.40
N LYS B 106 -8.73 0.12 -14.64
CA LYS B 106 -9.00 1.51 -14.94
C LYS B 106 -9.86 1.49 -16.19
N ASP B 107 -10.38 2.66 -16.54
CA ASP B 107 -11.19 2.79 -17.74
C ASP B 107 -12.35 1.85 -17.92
N GLY B 108 -13.07 1.61 -16.82
CA GLY B 108 -14.24 0.77 -16.90
C GLY B 108 -13.96 -0.69 -16.62
N TRP B 109 -12.72 -1.04 -16.29
CA TRP B 109 -12.38 -2.45 -15.97
C TRP B 109 -12.14 -2.64 -14.47
N THR B 110 -12.33 -3.86 -13.96
CA THR B 110 -12.16 -4.12 -12.53
C THR B 110 -10.70 -4.31 -12.07
N TRP B 111 -9.94 -5.11 -12.80
CA TRP B 111 -8.56 -5.46 -12.42
C TRP B 111 -7.68 -5.21 -13.61
N ASN B 112 -6.50 -4.67 -13.37
CA ASN B 112 -5.63 -4.31 -14.48
C ASN B 112 -5.00 -5.35 -15.45
N PRO B 113 -4.57 -6.54 -14.97
CA PRO B 113 -3.93 -7.52 -15.89
C PRO B 113 -4.64 -7.82 -17.20
N TRP B 114 -5.94 -8.08 -17.13
CA TRP B 114 -6.71 -8.42 -18.31
C TRP B 114 -7.96 -7.63 -18.27
N ASN B 115 -8.43 -7.19 -19.44
CA ASN B 115 -9.74 -6.50 -19.55
C ASN B 115 -10.73 -7.69 -19.41
N ASP B 116 -10.96 -8.14 -18.16
CA ASP B 116 -11.77 -9.33 -17.89
C ASP B 116 -13.11 -9.18 -17.20
N GLY B 117 -13.50 -7.97 -16.87
CA GLY B 117 -14.80 -7.80 -16.22
C GLY B 117 -15.10 -6.34 -15.99
N ARG B 118 -16.32 -5.95 -16.30
CA ARG B 118 -16.69 -4.56 -16.18
C ARG B 118 -16.59 -4.09 -14.73
N ALA B 119 -16.16 -2.84 -14.60
CA ALA B 119 -16.10 -2.19 -13.29
C ALA B 119 -17.53 -2.18 -12.70
N PRO B 120 -17.63 -2.22 -11.37
CA PRO B 120 -18.97 -2.22 -10.79
C PRO B 120 -19.79 -0.96 -10.98
N ASP B 121 -19.13 0.15 -11.25
CA ASP B 121 -19.78 1.46 -11.41
C ASP B 121 -20.14 1.80 -12.86
N ALA B 122 -20.71 2.98 -13.04
CA ALA B 122 -21.13 3.42 -14.36
C ALA B 122 -20.02 3.34 -15.42
N SER B 123 -18.77 3.59 -15.04
CA SER B 123 -17.67 3.53 -16.00
C SER B 123 -17.56 2.17 -16.73
N GLY B 124 -18.09 1.09 -16.16
CA GLY B 124 -18.02 -0.20 -16.81
C GLY B 124 -19.30 -0.58 -17.54
N ASP B 125 -20.31 0.30 -17.49
CA ASP B 125 -21.59 0.01 -18.12
C ASP B 125 -21.50 -0.38 -19.61
N LYS B 126 -20.56 0.22 -20.30
CA LYS B 126 -20.41 -0.05 -21.70
C LYS B 126 -19.95 -1.48 -21.93
N TYR B 127 -19.30 -2.06 -20.92
CA TYR B 127 -18.81 -3.41 -21.08
C TYR B 127 -19.84 -4.45 -20.72
N LYS B 128 -21.06 -4.02 -20.39
CA LYS B 128 -22.11 -5.00 -20.16
C LYS B 128 -22.44 -5.67 -21.51
N THR B 129 -22.14 -4.99 -22.61
CA THR B 129 -22.45 -5.56 -23.91
C THR B 129 -21.28 -5.59 -24.83
N ASP B 130 -20.24 -4.85 -24.51
CA ASP B 130 -19.02 -4.79 -25.34
C ASP B 130 -18.00 -5.77 -24.73
N ALA B 131 -17.53 -6.71 -25.54
CA ALA B 131 -16.55 -7.70 -25.07
C ALA B 131 -15.26 -7.07 -24.61
N GLY B 132 -14.91 -5.92 -25.18
CA GLY B 132 -13.66 -5.29 -24.81
C GLY B 132 -12.50 -5.70 -25.67
N ASP B 133 -11.39 -4.97 -25.56
CA ASP B 133 -10.21 -5.19 -26.37
C ASP B 133 -9.48 -6.52 -26.18
N ASP B 134 -9.40 -7.05 -24.97
CA ASP B 134 -8.68 -8.31 -24.91
C ASP B 134 -9.46 -9.44 -25.58
N VAL B 135 -10.78 -9.50 -25.44
CA VAL B 135 -11.50 -10.58 -26.12
C VAL B 135 -11.25 -10.52 -27.65
N ARG B 136 -11.30 -9.31 -28.20
CA ARG B 136 -11.08 -9.17 -29.65
C ARG B 136 -9.68 -9.55 -30.08
N PHE B 137 -8.71 -9.08 -29.30
CA PHE B 137 -7.33 -9.36 -29.56
C PHE B 137 -7.06 -10.87 -29.56
N LEU B 138 -7.47 -11.55 -28.48
CA LEU B 138 -7.28 -13.01 -28.41
C LEU B 138 -7.80 -13.67 -29.65
N GLU B 139 -8.98 -13.30 -30.14
CA GLU B 139 -9.49 -13.95 -31.34
C GLU B 139 -8.67 -13.58 -32.60
N ALA B 140 -8.42 -12.27 -32.79
CA ALA B 140 -7.63 -11.78 -33.95
C ALA B 140 -6.24 -12.44 -34.00
N MET B 141 -5.60 -12.59 -32.85
CA MET B 141 -4.29 -13.19 -32.73
C MET B 141 -4.31 -14.62 -33.21
N VAL B 142 -5.35 -15.37 -32.85
CA VAL B 142 -5.39 -16.75 -33.31
C VAL B 142 -5.68 -16.82 -34.81
N ARG B 143 -6.68 -16.07 -35.26
CA ARG B 143 -6.97 -16.06 -36.68
C ARG B 143 -5.73 -15.69 -37.50
N CYS B 144 -4.82 -14.89 -36.96
CA CYS B 144 -3.63 -14.49 -37.69
C CYS B 144 -2.60 -15.61 -37.78
N VAL B 145 -2.28 -16.25 -36.65
CA VAL B 145 -1.32 -17.33 -36.62
C VAL B 145 -1.73 -18.43 -37.63
N GLY B 146 -3.01 -18.65 -37.78
CA GLY B 146 -3.51 -19.67 -38.68
C GLY B 146 -3.28 -19.34 -40.16
N THR B 147 -2.63 -18.22 -40.47
CA THR B 147 -2.39 -17.89 -41.87
C THR B 147 -1.09 -18.58 -42.26
N LYS B 148 -0.27 -18.88 -41.27
CA LYS B 148 1.02 -19.51 -41.49
C LYS B 148 1.11 -20.99 -41.08
N TRP B 149 0.35 -21.40 -40.06
CA TRP B 149 0.37 -22.80 -39.61
C TRP B 149 -1.05 -23.28 -39.76
N LYS B 150 -1.23 -24.57 -40.06
CA LYS B 150 -2.59 -25.08 -40.25
C LYS B 150 -3.16 -25.34 -38.87
N LEU B 151 -4.26 -24.67 -38.57
CA LEU B 151 -4.95 -24.78 -37.29
C LEU B 151 -6.36 -25.37 -37.44
N ASP B 152 -6.77 -26.17 -36.46
CA ASP B 152 -8.11 -26.78 -36.47
C ASP B 152 -9.13 -25.74 -35.93
N ARG B 153 -10.02 -25.28 -36.79
CA ARG B 153 -11.01 -24.25 -36.43
C ARG B 153 -11.95 -24.71 -35.32
N LYS B 154 -12.17 -26.02 -35.24
CA LYS B 154 -13.04 -26.55 -34.21
C LYS B 154 -12.32 -26.98 -32.95
N ARG B 155 -11.04 -26.71 -32.84
CA ARG B 155 -10.30 -27.07 -31.60
C ARG B 155 -9.41 -25.94 -31.07
N LEU B 156 -10.01 -24.77 -30.94
CA LEU B 156 -9.33 -23.59 -30.42
C LEU B 156 -9.75 -23.43 -28.95
N PHE B 157 -8.78 -23.56 -28.07
CA PHE B 157 -9.04 -23.49 -26.64
C PHE B 157 -8.22 -22.44 -25.94
N LEU B 158 -8.78 -21.77 -24.92
CA LEU B 158 -7.96 -20.85 -24.17
C LEU B 158 -8.13 -21.17 -22.68
N GLY B 159 -7.23 -20.68 -21.84
CA GLY B 159 -7.30 -21.01 -20.44
C GLY B 159 -6.33 -20.11 -19.73
N GLY B 160 -6.39 -20.16 -18.41
CA GLY B 160 -5.49 -19.32 -17.65
C GLY B 160 -5.70 -19.49 -16.20
N ILE B 161 -4.78 -18.88 -15.44
CA ILE B 161 -4.81 -18.94 -13.96
C ILE B 161 -5.11 -17.56 -13.42
N SER B 162 -5.90 -17.51 -12.36
CA SER B 162 -6.23 -16.29 -11.66
C SER B 162 -6.84 -15.25 -12.66
N ALA B 163 -6.29 -14.05 -12.80
CA ALA B 163 -6.93 -13.10 -13.74
C ALA B 163 -6.97 -13.76 -15.17
N GLY B 164 -5.99 -14.59 -15.50
CA GLY B 164 -6.02 -15.28 -16.77
C GLY B 164 -7.21 -16.21 -16.87
N GLY B 165 -7.64 -16.75 -15.71
CA GLY B 165 -8.81 -17.63 -15.72
C GLY B 165 -10.06 -16.75 -15.86
N THR B 166 -10.03 -15.58 -15.24
CA THR B 166 -11.16 -14.65 -15.35
C THR B 166 -11.28 -14.27 -16.84
N MET B 167 -10.15 -13.96 -17.43
CA MET B 167 -10.12 -13.55 -18.88
C MET B 167 -10.69 -14.67 -19.74
N THR B 168 -10.34 -15.93 -19.43
CA THR B 168 -10.91 -17.12 -20.11
C THR B 168 -12.42 -17.13 -19.96
N ASN B 169 -12.92 -16.98 -18.71
CA ASN B 169 -14.37 -16.90 -18.56
C ASN B 169 -14.99 -15.78 -19.45
N ARG B 170 -14.40 -14.59 -19.45
CA ARG B 170 -15.03 -13.53 -20.22
C ARG B 170 -15.08 -13.87 -21.72
N ALA B 171 -13.98 -14.38 -22.24
CA ALA B 171 -13.92 -14.75 -23.66
C ALA B 171 -14.90 -15.88 -24.05
N LEU B 172 -15.12 -16.85 -23.14
CA LEU B 172 -16.06 -17.92 -23.47
C LEU B 172 -17.51 -17.39 -23.42
N LEU B 173 -17.75 -16.34 -22.63
CA LEU B 173 -19.10 -15.79 -22.51
C LEU B 173 -19.49 -14.85 -23.67
N PHE B 174 -18.52 -14.12 -24.18
CA PHE B 174 -18.77 -13.14 -25.23
C PHE B 174 -18.45 -13.70 -26.59
N ASP B 175 -17.58 -14.71 -26.66
CA ASP B 175 -17.11 -15.17 -27.95
C ASP B 175 -17.13 -16.64 -28.11
N SER B 176 -18.21 -17.26 -27.72
CA SER B 176 -18.34 -18.71 -27.82
C SER B 176 -18.41 -19.18 -29.31
N GLU B 177 -18.72 -18.25 -30.22
CA GLU B 177 -18.80 -18.63 -31.63
C GLU B 177 -17.39 -18.96 -32.10
N PHE B 178 -16.36 -18.45 -31.42
CA PHE B 178 -14.98 -18.73 -31.83
C PHE B 178 -14.33 -19.94 -31.10
N TRP B 179 -14.17 -19.79 -29.80
CA TRP B 179 -13.53 -20.85 -28.99
C TRP B 179 -14.33 -22.12 -28.89
N ALA B 180 -13.65 -23.24 -28.99
CA ALA B 180 -14.30 -24.52 -28.82
C ALA B 180 -14.48 -24.81 -27.31
N GLY B 181 -13.81 -24.00 -26.50
CA GLY B 181 -13.90 -24.16 -25.04
C GLY B 181 -12.66 -23.63 -24.35
N GLY B 182 -12.47 -24.02 -23.09
CA GLY B 182 -11.30 -23.52 -22.40
C GLY B 182 -11.21 -24.02 -20.97
N MET B 183 -10.13 -23.63 -20.33
CA MET B 183 -9.91 -24.03 -18.97
C MET B 183 -9.56 -22.87 -18.06
N PRO B 184 -10.58 -22.26 -17.46
CA PRO B 184 -10.38 -21.14 -16.55
C PRO B 184 -9.99 -21.73 -15.19
N ILE B 185 -8.78 -21.42 -14.74
CA ILE B 185 -8.28 -21.97 -13.47
C ILE B 185 -8.32 -20.90 -12.42
N SER B 186 -9.18 -21.12 -11.43
CA SER B 186 -9.34 -20.16 -10.34
C SER B 186 -9.64 -18.72 -10.88
N GLY B 187 -10.64 -18.56 -11.74
CA GLY B 187 -10.89 -17.21 -12.20
C GLY B 187 -12.00 -16.57 -11.41
N GLU B 188 -12.09 -15.25 -11.48
CA GLU B 188 -13.19 -14.58 -10.80
C GLU B 188 -14.45 -14.70 -11.69
N TRP B 189 -15.60 -14.34 -11.12
CA TRP B 189 -16.87 -14.37 -11.84
C TRP B 189 -17.46 -13.02 -11.59
N TYR B 190 -16.88 -12.32 -10.57
CA TYR B 190 -17.34 -11.02 -10.13
C TYR B 190 -18.86 -11.07 -9.93
N SER B 191 -19.32 -12.08 -9.19
CA SER B 191 -20.74 -12.24 -8.91
C SER B 191 -21.46 -10.96 -8.53
N THR B 192 -22.69 -10.79 -9.03
CA THR B 192 -23.49 -9.61 -8.72
C THR B 192 -24.92 -10.16 -8.38
N LYS B 193 -25.77 -9.25 -7.93
CA LYS B 193 -27.15 -9.60 -7.63
C LYS B 193 -27.82 -9.74 -9.02
N ASP B 194 -29.00 -10.37 -9.05
CA ASP B 194 -29.75 -10.60 -10.28
C ASP B 194 -29.93 -9.33 -11.12
N ASP B 195 -29.83 -8.16 -10.52
CA ASP B 195 -29.95 -6.88 -11.26
C ASP B 195 -28.65 -6.25 -11.73
N GLY B 196 -27.54 -6.99 -11.60
CA GLY B 196 -26.26 -6.43 -12.04
C GLY B 196 -25.53 -5.55 -11.03
N SER B 197 -26.10 -5.36 -9.84
CA SER B 197 -25.41 -4.49 -8.87
C SER B 197 -24.43 -5.32 -8.04
N THR B 198 -23.34 -4.67 -7.65
CA THR B 198 -22.30 -5.34 -6.89
C THR B 198 -22.33 -4.89 -5.43
N VAL B 199 -22.13 -5.82 -4.51
CA VAL B 199 -22.06 -5.47 -3.10
C VAL B 199 -20.63 -5.89 -2.66
N PRO B 200 -20.13 -5.44 -1.48
CA PRO B 200 -18.77 -5.83 -1.10
C PRO B 200 -18.50 -7.34 -1.04
N PHE B 201 -17.20 -7.67 -1.03
CA PHE B 201 -16.70 -9.03 -1.01
C PHE B 201 -17.36 -9.95 -0.01
N GLN B 202 -17.38 -9.55 1.26
CA GLN B 202 -17.94 -10.38 2.29
C GLN B 202 -19.38 -10.74 2.04
N GLU B 203 -20.17 -9.74 1.69
CA GLU B 203 -21.57 -9.99 1.43
C GLU B 203 -21.72 -10.91 0.21
N THR B 204 -20.97 -10.59 -0.85
CA THR B 204 -21.01 -11.41 -2.10
C THR B 204 -20.73 -12.85 -1.74
N ARG B 205 -19.68 -13.05 -0.94
CA ARG B 205 -19.30 -14.37 -0.52
C ARG B 205 -20.36 -15.10 0.27
N LYS B 206 -21.02 -14.42 1.20
CA LYS B 206 -22.04 -15.19 1.92
C LYS B 206 -23.29 -15.41 1.05
N MET B 207 -23.65 -14.47 0.17
CA MET B 207 -24.86 -14.73 -0.63
C MET B 207 -24.74 -15.95 -1.55
N VAL B 208 -23.55 -16.22 -2.08
CA VAL B 208 -23.37 -17.37 -2.93
C VAL B 208 -23.39 -18.61 -2.04
N ALA B 209 -22.77 -18.50 -0.87
CA ALA B 209 -22.75 -19.64 0.06
C ALA B 209 -24.17 -20.02 0.44
N ALA B 210 -25.03 -18.99 0.49
CA ALA B 210 -26.43 -19.12 0.82
C ALA B 210 -27.22 -19.86 -0.24
N ALA B 211 -26.88 -19.70 -1.52
CA ALA B 211 -27.59 -20.37 -2.62
C ALA B 211 -26.55 -20.92 -3.59
N PRO B 212 -25.87 -21.99 -3.21
CA PRO B 212 -24.82 -22.60 -4.03
C PRO B 212 -25.18 -23.31 -5.30
N ALA B 213 -26.46 -23.63 -5.50
CA ALA B 213 -26.84 -24.30 -6.76
C ALA B 213 -27.38 -23.29 -7.73
N LYS B 214 -27.54 -22.07 -7.26
CA LYS B 214 -28.10 -21.03 -8.09
C LYS B 214 -27.17 -20.49 -9.21
N ILE B 215 -27.79 -20.02 -10.30
CA ILE B 215 -27.09 -19.41 -11.45
C ILE B 215 -27.02 -17.93 -11.11
N TRP B 216 -25.81 -17.46 -10.79
CA TRP B 216 -25.46 -16.10 -10.40
C TRP B 216 -24.94 -15.28 -11.56
N GLN B 217 -25.42 -14.02 -11.67
CA GLN B 217 -24.95 -13.07 -12.70
C GLN B 217 -23.52 -12.66 -12.30
N GLY B 218 -22.82 -11.95 -13.20
CA GLY B 218 -21.44 -11.58 -12.93
C GLY B 218 -20.85 -10.63 -13.93
N ARG B 219 -19.98 -9.76 -13.44
CA ARG B 219 -19.37 -8.72 -14.24
C ARG B 219 -18.31 -9.26 -15.23
N VAL B 220 -17.98 -10.53 -15.07
CA VAL B 220 -17.02 -11.17 -15.96
C VAL B 220 -17.65 -11.34 -17.33
N GLY B 221 -18.98 -11.56 -17.38
CA GLY B 221 -19.65 -11.78 -18.67
C GLY B 221 -20.65 -10.71 -19.08
N PRO B 222 -21.47 -10.96 -20.12
CA PRO B 222 -22.45 -9.92 -20.51
C PRO B 222 -23.49 -9.72 -19.38
N TYR B 223 -24.19 -8.58 -19.33
CA TYR B 223 -25.31 -8.45 -18.38
C TYR B 223 -26.63 -8.18 -19.14
N PRO B 224 -27.64 -9.07 -19.02
CA PRO B 224 -27.59 -10.29 -18.23
C PRO B 224 -26.75 -11.32 -19.00
N LEU B 225 -26.38 -12.40 -18.33
CA LEU B 225 -25.63 -13.46 -18.99
C LEU B 225 -26.50 -14.16 -20.08
N PRO B 226 -25.87 -14.64 -21.15
CA PRO B 226 -26.55 -15.32 -22.25
C PRO B 226 -27.30 -16.52 -21.72
N SER B 227 -28.45 -16.82 -22.31
CA SER B 227 -29.19 -18.00 -21.88
C SER B 227 -28.84 -19.08 -22.90
N LYS B 228 -28.09 -18.72 -23.92
CA LYS B 228 -27.62 -19.70 -24.89
C LYS B 228 -26.23 -19.33 -25.37
N LEU B 229 -25.40 -20.33 -25.68
CA LEU B 229 -24.07 -20.08 -26.20
C LEU B 229 -23.77 -21.04 -27.36
N ASP B 230 -22.73 -20.78 -28.12
CA ASP B 230 -22.32 -21.68 -29.16
C ASP B 230 -21.72 -22.89 -28.42
N PRO B 231 -21.77 -24.12 -29.00
CA PRO B 231 -21.26 -25.36 -28.42
C PRO B 231 -19.78 -25.27 -27.98
N MET B 232 -19.52 -25.71 -26.74
CA MET B 232 -18.18 -25.64 -26.15
C MET B 232 -18.00 -26.69 -25.03
N VAL B 233 -16.74 -26.90 -24.66
CA VAL B 233 -16.39 -27.76 -23.52
C VAL B 233 -15.56 -26.84 -22.58
N VAL B 234 -15.94 -26.80 -21.30
CA VAL B 234 -15.23 -25.94 -20.33
C VAL B 234 -14.77 -26.77 -19.11
N ILE B 235 -13.51 -26.63 -18.73
CA ILE B 235 -13.00 -27.34 -17.54
C ILE B 235 -12.66 -26.25 -16.48
N THR B 236 -13.50 -26.10 -15.46
CA THR B 236 -13.25 -25.12 -14.41
C THR B 236 -12.37 -25.85 -13.33
N VAL B 237 -11.28 -25.22 -12.91
CA VAL B 237 -10.37 -25.81 -11.90
C VAL B 237 -10.38 -24.94 -10.60
N TRP B 238 -10.59 -25.61 -9.45
CA TRP B 238 -10.59 -24.96 -8.14
C TRP B 238 -9.46 -25.61 -7.38
N GLY B 239 -8.66 -24.79 -6.70
CA GLY B 239 -7.50 -25.32 -6.00
C GLY B 239 -7.67 -25.70 -4.53
N GLY B 240 -8.90 -25.85 -4.03
CA GLY B 240 -9.03 -26.27 -2.64
C GLY B 240 -9.14 -25.15 -1.63
N GLU B 241 -9.09 -25.51 -0.35
CA GLU B 241 -9.23 -24.52 0.73
C GLU B 241 -8.34 -23.31 0.67
N LYS B 242 -7.12 -23.46 0.17
CA LYS B 242 -6.25 -22.31 0.14
C LYS B 242 -6.35 -21.48 -1.17
N ASP B 243 -7.34 -21.78 -2.02
CA ASP B 243 -7.45 -21.06 -3.29
C ASP B 243 -8.13 -19.73 -2.96
N LEU B 244 -7.31 -18.73 -2.62
CA LEU B 244 -7.77 -17.41 -2.19
C LEU B 244 -6.80 -16.35 -2.66
N TRP B 245 -7.21 -15.11 -2.65
CA TRP B 245 -6.29 -14.04 -3.07
C TRP B 245 -6.38 -12.93 -2.04
N ASP B 246 -5.26 -12.72 -1.37
CA ASP B 246 -5.14 -11.74 -0.31
C ASP B 246 -3.95 -10.85 -0.59
N CYS B 247 -4.15 -9.56 -0.77
CA CYS B 247 -2.99 -8.73 -1.06
C CYS B 247 -2.57 -7.81 0.10
N GLY B 248 -2.76 -8.27 1.33
CA GLY B 248 -2.35 -7.52 2.49
C GLY B 248 -3.10 -6.20 2.63
N PRO B 249 -2.90 -5.48 3.76
CA PRO B 249 -3.54 -4.21 4.08
C PRO B 249 -3.33 -3.20 2.97
N PRO B 250 -4.34 -2.37 2.68
CA PRO B 250 -5.64 -2.28 3.29
C PRO B 250 -6.67 -3.20 2.62
N LEU B 251 -6.42 -3.69 1.38
CA LEU B 251 -7.45 -4.56 0.76
C LEU B 251 -7.69 -5.88 1.42
N GLY B 252 -6.64 -6.53 1.85
CA GLY B 252 -6.78 -7.84 2.48
C GLY B 252 -7.32 -8.89 1.51
N LEU B 253 -8.13 -9.81 2.02
CA LEU B 253 -8.69 -10.89 1.23
C LEU B 253 -9.65 -10.29 0.22
N CYS B 254 -9.33 -10.43 -1.06
CA CYS B 254 -10.14 -9.84 -2.14
C CYS B 254 -10.98 -10.81 -2.92
N SER B 255 -10.48 -12.02 -3.09
CA SER B 255 -11.20 -13.03 -3.84
C SER B 255 -11.09 -14.34 -3.13
N ASP B 256 -12.18 -15.08 -3.14
CA ASP B 256 -12.20 -16.42 -2.56
C ASP B 256 -12.70 -17.19 -3.80
N TYR B 257 -11.95 -18.16 -4.31
CA TYR B 257 -12.37 -18.88 -5.52
C TYR B 257 -13.36 -20.03 -5.37
N ARG B 258 -13.78 -20.28 -4.13
CA ARG B 258 -14.77 -21.31 -3.88
C ARG B 258 -16.12 -20.80 -4.48
N PRO B 259 -16.57 -19.60 -4.09
CA PRO B 259 -17.84 -19.21 -4.70
C PRO B 259 -17.74 -18.89 -6.20
N THR B 260 -16.60 -18.35 -6.65
CA THR B 260 -16.47 -17.99 -8.07
C THR B 260 -16.42 -19.21 -8.95
N THR B 261 -15.74 -20.28 -8.54
CA THR B 261 -15.72 -21.48 -9.39
C THR B 261 -17.06 -22.25 -9.22
N GLN B 262 -17.74 -22.06 -8.07
CA GLN B 262 -19.06 -22.70 -7.93
C GLN B 262 -20.04 -21.93 -8.89
N ALA B 263 -19.99 -20.63 -8.86
CA ALA B 263 -20.87 -19.82 -9.69
C ALA B 263 -20.63 -20.14 -11.16
N SER B 264 -19.37 -20.11 -11.58
CA SER B 264 -19.10 -20.37 -12.99
C SER B 264 -19.54 -21.79 -13.41
N SER B 265 -19.32 -22.78 -12.55
CA SER B 265 -19.70 -24.12 -12.90
C SER B 265 -21.21 -24.29 -12.98
N ASN B 266 -21.94 -23.45 -12.25
CA ASN B 266 -23.40 -23.56 -12.24
C ASN B 266 -23.90 -23.03 -13.57
N TYR B 267 -23.40 -21.86 -13.98
CA TYR B 267 -23.77 -21.25 -15.25
C TYR B 267 -23.53 -22.17 -16.48
N PHE B 268 -22.28 -22.62 -16.67
CA PHE B 268 -21.97 -23.48 -17.80
C PHE B 268 -22.65 -24.84 -17.77
N SER B 269 -22.92 -25.37 -16.58
CA SER B 269 -23.58 -26.66 -16.51
C SER B 269 -25.06 -26.48 -16.87
N SER B 270 -25.51 -25.23 -16.83
CA SER B 270 -26.88 -24.88 -17.14
C SER B 270 -27.15 -24.69 -18.66
N ILE B 271 -26.10 -24.46 -19.44
CA ILE B 271 -26.21 -24.25 -20.90
C ILE B 271 -26.04 -25.65 -21.51
N SER B 272 -27.14 -26.23 -22.02
CA SER B 272 -27.13 -27.61 -22.50
C SER B 272 -26.15 -28.03 -23.57
N ASN B 273 -25.80 -27.15 -24.49
CA ASN B 273 -24.86 -27.57 -25.52
C ASN B 273 -23.42 -27.22 -25.12
N VAL B 274 -23.22 -26.94 -23.83
CA VAL B 274 -21.88 -26.69 -23.33
C VAL B 274 -21.56 -27.79 -22.31
N VAL B 275 -20.51 -28.57 -22.54
CA VAL B 275 -20.18 -29.58 -21.55
C VAL B 275 -19.32 -28.89 -20.47
N HIS B 276 -19.66 -29.09 -19.19
CA HIS B 276 -18.86 -28.49 -18.09
C HIS B 276 -18.20 -29.57 -17.26
N VAL B 277 -16.88 -29.43 -17.01
CA VAL B 277 -16.15 -30.39 -16.19
C VAL B 277 -15.62 -29.58 -14.97
N ALA B 278 -15.98 -30.03 -13.76
CA ALA B 278 -15.53 -29.31 -12.55
C ALA B 278 -14.38 -30.12 -11.90
N CYS B 279 -13.15 -29.62 -12.00
CA CYS B 279 -12.01 -30.32 -11.40
C CYS B 279 -11.61 -29.67 -10.11
N SER B 280 -11.39 -30.51 -9.10
CA SER B 280 -11.00 -30.07 -7.75
C SER B 280 -9.58 -30.49 -7.51
N ALA B 281 -8.74 -29.55 -7.08
CA ALA B 281 -7.36 -29.86 -6.84
C ALA B 281 -6.97 -29.38 -5.43
N THR B 282 -5.68 -29.42 -5.08
CA THR B 282 -5.31 -29.07 -3.72
C THR B 282 -4.11 -28.14 -3.65
N HIS B 283 -3.75 -27.57 -4.77
CA HIS B 283 -2.57 -26.73 -4.80
C HIS B 283 -2.75 -25.24 -4.37
N GLY B 284 -3.96 -24.82 -4.05
CA GLY B 284 -4.16 -23.43 -3.65
C GLY B 284 -4.45 -22.55 -4.86
N HIS B 285 -3.86 -21.35 -4.86
CA HIS B 285 -4.04 -20.40 -5.98
C HIS B 285 -2.79 -20.17 -6.79
N MET B 286 -2.60 -20.98 -7.84
CA MET B 286 -1.47 -20.88 -8.72
C MET B 286 -1.67 -21.95 -9.78
N TRP B 287 -0.82 -22.01 -10.78
CA TRP B 287 -0.98 -23.07 -11.77
C TRP B 287 -0.88 -24.43 -11.07
N PRO B 288 -1.76 -25.39 -11.43
CA PRO B 288 -1.78 -26.75 -10.86
C PRO B 288 -0.32 -27.23 -10.66
N GLN B 289 0.01 -27.58 -9.42
CA GLN B 289 1.38 -27.95 -9.10
C GLN B 289 1.67 -29.45 -9.06
N VAL B 290 0.65 -30.25 -8.75
CA VAL B 290 0.79 -31.70 -8.65
C VAL B 290 0.68 -32.42 -10.02
N ASN B 291 1.77 -33.02 -10.47
CA ASN B 291 1.76 -33.75 -11.76
C ASN B 291 1.39 -32.76 -12.84
N THR B 292 2.06 -31.62 -12.82
CA THR B 292 1.75 -30.54 -13.72
C THR B 292 1.66 -30.88 -15.20
N ASP B 293 2.75 -31.40 -15.75
CA ASP B 293 2.80 -31.74 -17.15
C ASP B 293 1.69 -32.74 -17.59
N ALA B 294 1.47 -33.76 -16.76
CA ALA B 294 0.45 -34.78 -16.99
C ALA B 294 -0.97 -34.18 -16.87
N PHE B 295 -1.12 -33.23 -15.93
CA PHE B 295 -2.41 -32.57 -15.77
C PHE B 295 -2.75 -31.76 -16.99
N ASN B 296 -1.78 -30.94 -17.43
CA ASN B 296 -1.98 -30.06 -18.57
C ASN B 296 -2.36 -30.85 -19.82
N LEU B 297 -1.63 -31.94 -20.07
CA LEU B 297 -1.88 -32.77 -21.25
C LEU B 297 -3.23 -33.47 -21.12
N TRP B 298 -3.55 -33.99 -19.94
CA TRP B 298 -4.84 -34.64 -19.70
C TRP B 298 -5.96 -33.66 -20.01
N ALA B 299 -5.85 -32.47 -19.48
CA ALA B 299 -6.88 -31.46 -19.66
C ALA B 299 -7.04 -31.06 -21.17
N LEU B 300 -5.95 -30.80 -21.86
CA LEU B 300 -6.07 -30.37 -23.25
C LEU B 300 -6.61 -31.53 -24.10
N ASN B 301 -6.14 -32.75 -23.85
CA ASN B 301 -6.64 -33.92 -24.57
C ASN B 301 -8.15 -34.11 -24.32
N THR B 302 -8.62 -33.83 -23.09
CA THR B 302 -10.03 -33.96 -22.78
C THR B 302 -10.84 -32.95 -23.61
N MET B 303 -10.33 -31.73 -23.71
CA MET B 303 -11.04 -30.69 -24.48
C MET B 303 -10.94 -31.01 -25.98
N ALA B 304 -9.80 -31.45 -26.43
CA ALA B 304 -9.64 -31.75 -27.87
C ALA B 304 -10.55 -32.93 -28.33
N SER B 305 -10.98 -33.76 -27.39
CA SER B 305 -11.82 -34.89 -27.71
C SER B 305 -13.27 -34.44 -27.89
N HIS B 306 -13.55 -33.15 -27.67
CA HIS B 306 -14.92 -32.64 -27.82
C HIS B 306 -14.82 -31.40 -28.75
N PRO B 307 -14.53 -31.61 -30.06
CA PRO B 307 -14.42 -30.49 -31.01
C PRO B 307 -15.71 -29.70 -31.02
N LYS B 308 -15.62 -28.42 -31.34
CA LYS B 308 -16.80 -27.56 -31.37
C LYS B 308 -17.88 -28.16 -32.26
N GLY B 309 -19.10 -28.18 -31.74
CA GLY B 309 -20.24 -28.75 -32.44
C GLY B 309 -20.49 -30.17 -31.95
N SER B 310 -19.69 -30.68 -31.04
CA SER B 310 -19.92 -32.03 -30.52
C SER B 310 -21.18 -32.04 -29.67
N SER B 311 -21.77 -33.22 -29.51
CA SER B 311 -22.99 -33.30 -28.72
C SER B 311 -22.64 -33.63 -27.26
N PRO B 312 -23.16 -32.86 -26.29
CA PRO B 312 -22.85 -33.17 -24.87
C PRO B 312 -23.06 -34.62 -24.46
N LYS B 313 -24.13 -35.24 -24.94
CA LYS B 313 -24.40 -36.62 -24.58
C LYS B 313 -23.26 -37.57 -24.95
N ASP B 314 -22.45 -37.23 -25.94
CA ASP B 314 -21.34 -38.07 -26.35
C ASP B 314 -20.02 -37.83 -25.62
N PHE B 315 -19.97 -36.84 -24.75
CA PHE B 315 -18.70 -36.53 -24.09
C PHE B 315 -18.25 -37.58 -23.10
N LYS B 316 -16.99 -37.94 -23.11
CA LYS B 316 -16.48 -38.92 -22.14
C LYS B 316 -15.38 -38.31 -21.29
N LEU B 317 -15.40 -38.58 -19.99
CA LEU B 317 -14.39 -38.07 -19.10
C LEU B 317 -13.56 -39.24 -18.55
N THR B 318 -12.24 -39.12 -18.65
CA THR B 318 -11.33 -40.12 -18.15
C THR B 318 -10.80 -39.55 -16.83
N ALA B 319 -10.02 -40.37 -16.12
CA ALA B 319 -9.49 -39.96 -14.82
C ALA B 319 -8.25 -39.12 -15.00
N PRO B 320 -8.22 -37.98 -14.32
CA PRO B 320 -7.10 -37.02 -14.35
C PRO B 320 -5.92 -37.62 -13.56
N PRO B 321 -4.73 -37.01 -13.61
CA PRO B 321 -3.61 -37.61 -12.85
C PRO B 321 -3.89 -37.57 -11.39
N GLU B 322 -2.99 -38.17 -10.61
CA GLU B 322 -3.14 -38.14 -9.18
C GLU B 322 -3.07 -36.66 -8.79
N GLY B 323 -3.99 -36.22 -7.93
CA GLY B 323 -3.99 -34.84 -7.47
C GLY B 323 -5.27 -34.08 -7.81
N TYR B 324 -6.12 -34.72 -8.60
CA TYR B 324 -7.34 -34.11 -9.11
C TYR B 324 -8.51 -35.02 -9.06
N SER B 325 -9.69 -34.45 -8.80
CA SER B 325 -10.93 -35.18 -8.82
C SER B 325 -11.84 -34.37 -9.74
N CYS B 326 -12.23 -34.95 -10.87
CA CYS B 326 -13.07 -34.21 -11.80
C CYS B 326 -14.40 -34.87 -12.07
N LYS B 327 -15.47 -34.08 -12.12
CA LYS B 327 -16.78 -34.60 -12.41
C LYS B 327 -17.40 -33.78 -13.54
N ILE B 328 -18.25 -34.41 -14.33
CA ILE B 328 -18.97 -33.74 -15.40
C ILE B 328 -20.06 -33.01 -14.67
N GLY B 329 -20.37 -31.74 -15.00
CA GLY B 329 -21.42 -31.01 -14.30
C GLY B 329 -20.93 -29.92 -13.30
N ARG B 330 -21.82 -29.37 -12.46
CA ARG B 330 -21.42 -28.35 -11.48
C ARG B 330 -20.61 -28.89 -10.31
N PHE B 331 -20.02 -27.98 -9.54
CA PHE B 331 -19.24 -28.49 -8.42
C PHE B 331 -20.24 -29.00 -7.39
N THR B 332 -19.87 -30.07 -6.70
CA THR B 332 -20.77 -30.59 -5.65
C THR B 332 -19.98 -30.78 -4.34
N ASP B 333 -18.75 -30.28 -4.31
CA ASP B 333 -17.91 -30.50 -3.16
C ASP B 333 -17.43 -29.23 -2.52
N HIS B 334 -18.08 -28.12 -2.89
CA HIS B 334 -17.74 -26.76 -2.42
C HIS B 334 -18.58 -26.28 -1.23
N TYR B 335 -19.87 -26.59 -1.28
CA TYR B 335 -20.83 -26.15 -0.26
C TYR B 335 -21.77 -27.24 0.29
N LYS B 336 -22.65 -26.82 1.19
CA LYS B 336 -23.62 -27.74 1.79
C LYS B 336 -25.08 -27.42 1.42
N SER C 8 33.62 -18.02 -5.14
CA SER C 8 32.50 -17.16 -5.66
C SER C 8 31.90 -16.31 -4.54
N GLU C 9 31.53 -15.08 -4.89
CA GLU C 9 30.97 -14.17 -3.92
C GLU C 9 29.52 -14.50 -3.61
N TRP C 10 28.87 -15.21 -4.52
CA TRP C 10 27.46 -15.50 -4.39
C TRP C 10 27.08 -16.90 -3.92
N ALA C 11 26.06 -16.99 -3.09
CA ALA C 11 25.65 -18.29 -2.58
C ALA C 11 24.40 -18.20 -1.71
N CYS C 12 23.57 -19.25 -1.74
CA CYS C 12 22.37 -19.30 -0.92
C CYS C 12 22.52 -20.44 0.07
N PRO C 13 21.75 -20.45 1.17
CA PRO C 13 21.87 -21.56 2.11
C PRO C 13 21.11 -22.73 1.50
N GLU C 14 21.45 -23.96 1.90
CA GLU C 14 20.77 -25.12 1.34
C GLU C 14 19.28 -25.05 1.53
N GLY C 15 18.55 -25.34 0.45
CA GLY C 15 17.12 -25.31 0.53
C GLY C 15 16.49 -23.98 0.15
N PHE C 16 17.28 -22.92 0.02
CA PHE C 16 16.70 -21.63 -0.30
C PHE C 16 16.93 -21.13 -1.75
N THR C 17 15.91 -20.53 -2.35
CA THR C 17 16.08 -19.94 -3.67
C THR C 17 15.37 -18.58 -3.68
N PRO C 18 16.06 -17.51 -4.11
CA PRO C 18 15.47 -16.17 -4.13
C PRO C 18 14.48 -15.92 -5.24
N LYS C 19 13.58 -14.97 -5.03
CA LYS C 19 12.63 -14.67 -6.07
C LYS C 19 12.22 -13.22 -6.02
N ALA C 20 11.74 -12.69 -7.14
CA ALA C 20 11.31 -11.33 -7.11
C ALA C 20 10.23 -11.30 -6.04
N GLY C 21 10.03 -10.16 -5.39
CA GLY C 21 9.01 -10.04 -4.36
C GLY C 21 9.41 -10.55 -2.99
N LEU C 22 8.42 -10.84 -2.16
CA LEU C 22 8.68 -11.35 -0.81
C LEU C 22 9.34 -12.74 -0.77
N ASN C 23 10.34 -12.87 0.09
CA ASN C 23 11.03 -14.12 0.28
C ASN C 23 10.92 -14.33 1.76
N THR C 24 10.58 -15.55 2.18
CA THR C 24 10.47 -15.86 3.60
C THR C 24 11.27 -17.11 3.90
N ASP C 25 11.45 -17.36 5.18
CA ASP C 25 12.18 -18.54 5.61
C ASP C 25 13.60 -18.68 5.17
N PHE C 26 14.31 -17.56 5.08
CA PHE C 26 15.71 -17.58 4.72
C PHE C 26 16.40 -17.86 6.05
N PRO C 27 17.13 -18.97 6.13
CA PRO C 27 17.86 -19.40 7.32
C PRO C 27 19.10 -18.57 7.60
N SER C 28 19.17 -17.94 8.76
CA SER C 28 20.34 -17.13 9.09
C SER C 28 20.54 -17.14 10.62
N ASP C 29 21.66 -17.67 11.05
CA ASP C 29 21.97 -17.82 12.47
C ASP C 29 20.87 -18.52 13.29
N GLY C 30 20.23 -19.50 12.66
CA GLY C 30 19.19 -20.27 13.34
C GLY C 30 17.79 -19.69 13.28
N LYS C 31 17.61 -18.54 12.59
CA LYS C 31 16.28 -17.92 12.50
C LYS C 31 15.84 -17.93 11.06
N LYS C 32 14.54 -17.86 10.84
CA LYS C 32 13.97 -17.79 9.51
C LYS C 32 13.72 -16.30 9.27
N ARG C 33 14.31 -15.75 8.21
CA ARG C 33 14.23 -14.33 7.89
C ARG C 33 13.53 -14.08 6.55
N ALA C 34 12.93 -12.90 6.41
CA ALA C 34 12.24 -12.51 5.20
C ALA C 34 12.91 -11.23 4.63
N PHE C 35 12.74 -11.05 3.33
CA PHE C 35 13.19 -9.85 2.63
C PHE C 35 12.45 -9.75 1.31
N VAL C 36 12.41 -8.55 0.75
CA VAL C 36 11.70 -8.32 -0.51
C VAL C 36 12.70 -7.93 -1.58
N VAL C 37 12.59 -8.56 -2.73
CA VAL C 37 13.50 -8.30 -3.82
C VAL C 37 12.77 -7.50 -4.90
N VAL C 38 13.37 -6.44 -5.42
CA VAL C 38 12.75 -5.63 -6.47
C VAL C 38 13.90 -5.53 -7.50
N PRO C 39 13.93 -6.50 -8.44
CA PRO C 39 15.00 -6.51 -9.46
C PRO C 39 15.01 -5.33 -10.40
N PRO C 40 16.20 -4.94 -10.90
CA PRO C 40 16.37 -3.82 -11.82
C PRO C 40 15.77 -4.03 -13.18
N LYS C 41 15.32 -2.89 -13.75
CA LYS C 41 14.67 -2.80 -15.06
C LYS C 41 15.28 -3.73 -16.11
N ASP C 42 16.45 -3.38 -16.64
CA ASP C 42 17.07 -4.26 -17.63
C ASP C 42 18.22 -5.09 -17.07
N SER C 43 19.33 -5.26 -17.82
CA SER C 43 20.41 -6.09 -17.28
C SER C 43 21.86 -5.97 -17.81
N ALA C 44 22.27 -4.84 -18.39
CA ALA C 44 23.64 -4.83 -18.91
C ALA C 44 24.75 -5.04 -17.85
N GLY C 45 25.00 -6.28 -17.45
CA GLY C 45 26.06 -6.49 -16.47
C GLY C 45 25.61 -6.38 -15.02
N GLY C 46 26.55 -6.42 -14.09
CA GLY C 46 26.27 -6.38 -12.65
C GLY C 46 25.53 -5.15 -12.20
N ALA C 47 24.42 -5.33 -11.50
CA ALA C 47 23.66 -4.20 -11.08
C ALA C 47 24.09 -3.73 -9.68
N PRO C 48 24.13 -2.41 -9.47
CA PRO C 48 24.50 -1.89 -8.15
C PRO C 48 23.33 -2.31 -7.22
N VAL C 49 23.60 -2.42 -5.92
CA VAL C 49 22.59 -2.83 -4.95
C VAL C 49 22.26 -1.76 -3.91
N TRP C 50 20.97 -1.62 -3.59
CA TRP C 50 20.45 -0.72 -2.57
C TRP C 50 19.63 -1.58 -1.59
N VAL C 51 20.02 -1.52 -0.30
CA VAL C 51 19.35 -2.25 0.76
C VAL C 51 18.77 -1.23 1.78
N PRO C 52 17.52 -0.73 1.54
CA PRO C 52 16.91 0.26 2.43
C PRO C 52 16.24 -0.42 3.61
N MET C 53 16.35 0.18 4.78
CA MET C 53 15.76 -0.39 6.01
C MET C 53 14.84 0.56 6.73
N VAL C 54 13.68 0.09 7.16
CA VAL C 54 12.72 0.90 7.94
C VAL C 54 13.26 1.07 9.36
N GLY C 55 12.57 1.92 10.12
CA GLY C 55 12.93 2.22 11.51
C GLY C 55 12.07 1.40 12.45
N THR C 56 11.43 2.08 13.38
CA THR C 56 10.63 1.45 14.41
C THR C 56 9.16 1.24 14.00
N VAL C 57 8.57 2.18 13.26
CA VAL C 57 7.14 2.07 13.01
C VAL C 57 6.67 1.90 11.58
N GLU C 58 7.56 1.91 10.61
CA GLU C 58 7.08 1.75 9.23
C GLU C 58 7.28 0.33 8.75
N ALA C 59 6.35 -0.18 7.97
CA ALA C 59 6.46 -1.53 7.40
C ALA C 59 7.44 -1.51 6.26
N THR C 60 8.14 -2.62 6.07
CA THR C 60 9.07 -2.72 4.94
C THR C 60 8.36 -2.38 3.58
N ASN C 61 7.13 -2.86 3.37
CA ASN C 61 6.46 -2.53 2.10
C ASN C 61 6.14 -1.04 1.95
N TRP C 62 5.98 -0.32 3.07
CA TRP C 62 5.76 1.11 2.99
C TRP C 62 7.06 1.76 2.50
N ASN C 63 8.18 1.38 3.13
CA ASN C 63 9.44 1.94 2.73
C ASN C 63 9.65 1.71 1.20
N LEU C 64 9.28 0.54 0.72
CA LEU C 64 9.47 0.27 -0.71
C LEU C 64 8.47 0.91 -1.68
N ASN C 65 7.20 0.84 -1.29
CA ASN C 65 6.12 1.27 -2.18
C ASN C 65 5.29 2.47 -1.91
N VAL C 66 5.48 3.14 -0.77
CA VAL C 66 4.69 4.33 -0.41
C VAL C 66 5.55 5.59 -0.40
N PRO C 67 5.19 6.60 -1.22
CA PRO C 67 5.98 7.82 -1.28
C PRO C 67 6.37 8.44 0.07
N ARG C 68 5.39 8.56 0.95
CA ARG C 68 5.60 9.15 2.27
C ARG C 68 6.69 8.43 3.09
N SER C 69 6.89 7.16 2.81
CA SER C 69 7.88 6.34 3.54
C SER C 69 9.15 6.06 2.74
N GLY C 70 9.31 6.78 1.60
CA GLY C 70 10.54 6.59 0.85
C GLY C 70 10.45 6.17 -0.60
N ASN C 71 9.42 5.40 -0.95
CA ASN C 71 9.23 4.87 -2.30
C ASN C 71 10.55 4.31 -2.85
N ASN C 72 11.27 3.54 -2.03
CA ASN C 72 12.54 2.97 -2.47
C ASN C 72 12.50 1.99 -3.64
N ALA C 73 11.40 1.30 -3.87
CA ALA C 73 11.37 0.37 -4.96
C ALA C 73 11.58 1.11 -6.29
N LYS C 74 11.33 2.41 -6.31
CA LYS C 74 11.48 3.17 -7.54
C LYS C 74 12.91 3.14 -8.10
N LEU C 75 13.90 3.06 -7.19
CA LEU C 75 15.30 3.03 -7.62
C LEU C 75 15.53 1.90 -8.60
N ALA C 76 14.72 0.84 -8.54
CA ALA C 76 14.89 -0.26 -9.47
C ALA C 76 14.59 0.19 -10.91
N GLU C 77 13.86 1.27 -11.07
CA GLU C 77 13.57 1.79 -12.41
C GLU C 77 14.87 2.39 -12.93
N HIS C 78 15.77 2.77 -12.02
CA HIS C 78 17.02 3.39 -12.44
C HIS C 78 18.22 2.44 -12.46
N GLY C 79 17.95 1.13 -12.52
CA GLY C 79 19.04 0.16 -12.57
C GLY C 79 19.52 -0.53 -11.31
N TYR C 80 18.98 -0.13 -10.16
CA TYR C 80 19.41 -0.75 -8.91
C TYR C 80 18.62 -2.01 -8.55
N MET C 81 19.31 -2.99 -8.00
CA MET C 81 18.64 -4.17 -7.49
C MET C 81 18.32 -3.64 -6.06
N VAL C 82 17.06 -3.54 -5.71
CA VAL C 82 16.63 -3.06 -4.37
C VAL C 82 16.23 -4.30 -3.56
N ILE C 83 16.80 -4.47 -2.36
CA ILE C 83 16.50 -5.62 -1.50
C ILE C 83 16.19 -5.10 -0.08
N SER C 84 14.96 -5.22 0.41
CA SER C 84 14.64 -4.65 1.70
C SER C 84 14.40 -5.74 2.74
N PRO C 85 15.26 -5.81 3.77
CA PRO C 85 15.12 -6.84 4.81
C PRO C 85 14.00 -6.55 5.79
N VAL C 86 13.29 -7.60 6.23
CA VAL C 86 12.21 -7.50 7.20
C VAL C 86 12.87 -7.66 8.60
N ARG C 87 12.39 -6.90 9.57
CA ARG C 87 12.94 -6.92 10.93
C ARG C 87 12.57 -8.25 11.61
N GLN C 88 13.44 -8.73 12.50
CA GLN C 88 13.14 -9.99 13.24
C GLN C 88 11.81 -9.87 13.95
N CYS C 89 11.63 -8.78 14.71
CA CYS C 89 10.40 -8.53 15.47
C CYS C 89 9.12 -8.50 14.65
N ALA C 90 9.21 -8.33 13.34
CA ALA C 90 8.01 -8.30 12.49
C ALA C 90 7.64 -9.74 12.09
N GLU C 91 8.41 -10.71 12.53
CA GLU C 91 8.10 -12.11 12.21
C GLU C 91 7.74 -12.33 10.73
N GLN C 92 8.62 -11.92 9.83
CA GLN C 92 8.41 -12.17 8.40
C GLN C 92 7.29 -11.51 7.67
N ASP C 93 6.61 -10.58 8.36
CA ASP C 93 5.52 -9.85 7.73
C ASP C 93 6.00 -8.47 7.21
N PRO C 94 6.16 -8.33 5.90
CA PRO C 94 6.59 -7.06 5.29
C PRO C 94 5.55 -5.92 5.37
N ASN C 95 4.32 -6.24 5.78
CA ASN C 95 3.27 -5.21 5.90
C ASN C 95 3.06 -4.71 7.34
N LEU C 96 3.79 -5.32 8.29
CA LEU C 96 3.70 -4.96 9.70
C LEU C 96 4.50 -3.67 9.99
N GLY C 97 3.81 -2.64 10.43
CA GLY C 97 4.50 -1.38 10.68
C GLY C 97 5.34 -1.38 11.97
N ALA C 98 4.67 -1.62 13.09
CA ALA C 98 5.33 -1.53 14.39
C ALA C 98 5.22 -2.82 15.20
N GLY C 99 4.04 -3.10 15.71
CA GLY C 99 3.84 -4.32 16.50
C GLY C 99 4.91 -4.43 17.60
N ALA C 100 5.43 -5.63 17.81
CA ALA C 100 6.48 -5.84 18.84
C ALA C 100 7.79 -5.10 18.51
N CYS C 101 7.92 -4.56 17.30
CA CYS C 101 9.14 -3.82 16.98
C CYS C 101 9.26 -2.55 17.81
N ASN C 102 8.14 -1.91 18.16
CA ASN C 102 8.20 -0.67 18.88
C ASN C 102 8.41 -0.92 20.37
N GLY C 103 9.67 -1.15 20.75
CA GLY C 103 9.93 -1.40 22.17
C GLY C 103 11.41 -1.58 22.44
N VAL C 104 11.76 -1.65 23.73
CA VAL C 104 13.17 -1.78 24.11
C VAL C 104 13.78 -3.05 23.58
N GLY C 105 15.07 -3.02 23.34
CA GLY C 105 15.75 -4.21 22.86
C GLY C 105 15.78 -5.30 23.94
N LYS C 106 16.11 -6.52 23.55
CA LYS C 106 16.15 -7.63 24.51
C LYS C 106 17.37 -8.48 24.29
N ASP C 107 17.68 -9.31 25.28
CA ASP C 107 18.83 -10.17 25.18
C ASP C 107 20.15 -9.53 24.75
N GLY C 108 20.43 -8.35 25.30
CA GLY C 108 21.70 -7.69 25.01
C GLY C 108 21.68 -6.53 24.00
N TRP C 109 20.52 -6.28 23.39
CA TRP C 109 20.40 -5.17 22.40
C TRP C 109 19.69 -3.98 23.01
N THR C 110 19.92 -2.79 22.43
CA THR C 110 19.35 -1.55 22.94
C THR C 110 17.87 -1.30 22.58
N TRP C 111 17.57 -1.36 21.28
CA TRP C 111 16.22 -1.05 20.80
C TRP C 111 15.75 -2.25 19.94
N ASN C 112 14.50 -2.66 20.06
CA ASN C 112 14.03 -3.85 19.35
C ASN C 112 13.98 -3.99 17.82
N PRO C 113 13.69 -2.91 17.04
CA PRO C 113 13.63 -3.07 15.56
C PRO C 113 14.79 -3.81 14.90
N TRP C 114 16.01 -3.36 15.18
CA TRP C 114 17.22 -3.94 14.63
C TRP C 114 18.28 -4.24 15.70
N ASN C 115 19.09 -5.27 15.47
CA ASN C 115 20.21 -5.52 16.38
C ASN C 115 21.27 -4.49 15.97
N ASP C 116 21.09 -3.27 16.46
CA ASP C 116 21.93 -2.18 16.04
C ASP C 116 22.84 -1.51 17.08
N GLY C 117 22.83 -1.94 18.34
CA GLY C 117 23.70 -1.25 19.31
C GLY C 117 23.68 -2.09 20.59
N ARG C 118 24.83 -2.43 21.16
CA ARG C 118 24.80 -3.28 22.34
C ARG C 118 24.06 -2.58 23.49
N ALA C 119 23.43 -3.35 24.35
CA ALA C 119 22.73 -2.79 25.51
C ALA C 119 23.79 -2.12 26.40
N PRO C 120 23.43 -1.07 27.14
CA PRO C 120 24.44 -0.41 27.97
C PRO C 120 24.92 -1.23 29.16
N ASP C 121 24.20 -2.31 29.50
CA ASP C 121 24.56 -3.17 30.62
C ASP C 121 25.38 -4.39 30.22
N ALA C 122 25.75 -5.20 31.20
CA ALA C 122 26.55 -6.40 30.97
C ALA C 122 26.03 -7.38 29.92
N SER C 123 24.71 -7.46 29.77
CA SER C 123 24.12 -8.38 28.80
C SER C 123 24.59 -8.06 27.39
N GLY C 124 24.98 -6.81 27.16
CA GLY C 124 25.42 -6.39 25.85
C GLY C 124 26.91 -6.54 25.58
N ASP C 125 27.68 -6.77 26.66
CA ASP C 125 29.09 -6.89 26.49
C ASP C 125 29.52 -7.87 25.38
N LYS C 126 28.75 -8.91 25.11
CA LYS C 126 29.21 -9.81 24.08
C LYS C 126 29.22 -9.08 22.72
N TYR C 127 28.32 -8.10 22.58
CA TYR C 127 28.21 -7.38 21.32
C TYR C 127 29.18 -6.23 21.18
N LYS C 128 30.22 -6.21 22.03
CA LYS C 128 31.26 -5.19 21.85
C LYS C 128 32.15 -5.74 20.72
N THR C 129 32.08 -7.04 20.45
CA THR C 129 32.93 -7.59 19.40
C THR C 129 32.16 -8.45 18.40
N ASP C 130 30.98 -8.90 18.79
CA ASP C 130 30.14 -9.72 17.92
C ASP C 130 29.19 -8.75 17.13
N ALA C 131 29.28 -8.77 15.80
CA ALA C 131 28.45 -7.88 15.00
C ALA C 131 26.99 -8.08 15.21
N GLY C 132 26.59 -9.30 15.59
CA GLY C 132 25.17 -9.56 15.80
C GLY C 132 24.51 -10.13 14.54
N ASP C 133 23.39 -10.82 14.74
CA ASP C 133 22.67 -11.51 13.71
C ASP C 133 22.20 -10.64 12.58
N ASP C 134 21.84 -9.38 12.85
CA ASP C 134 21.37 -8.60 11.72
C ASP C 134 22.47 -8.24 10.77
N VAL C 135 23.62 -7.86 11.27
CA VAL C 135 24.73 -7.55 10.39
C VAL C 135 25.03 -8.78 9.49
N ARG C 136 25.04 -9.98 10.06
CA ARG C 136 25.34 -11.18 9.23
C ARG C 136 24.21 -11.50 8.24
N PHE C 137 22.95 -11.30 8.67
CA PHE C 137 21.80 -11.56 7.81
C PHE C 137 21.88 -10.63 6.58
N LEU C 138 22.00 -9.33 6.83
CA LEU C 138 22.09 -8.39 5.68
C LEU C 138 23.11 -8.86 4.63
N GLU C 139 24.32 -9.25 5.01
CA GLU C 139 25.29 -9.71 4.06
C GLU C 139 24.86 -11.04 3.38
N ALA C 140 24.37 -12.00 4.16
CA ALA C 140 23.96 -13.29 3.64
C ALA C 140 22.83 -13.15 2.59
N MET C 141 21.88 -12.27 2.92
CA MET C 141 20.77 -11.96 2.04
C MET C 141 21.27 -11.44 0.69
N VAL C 142 22.21 -10.50 0.71
CA VAL C 142 22.72 -9.98 -0.56
C VAL C 142 23.49 -11.04 -1.39
N ARG C 143 24.34 -11.80 -0.69
CA ARG C 143 25.12 -12.83 -1.33
C ARG C 143 24.21 -13.90 -1.96
N CYS C 144 23.04 -14.11 -1.37
CA CYS C 144 22.14 -15.09 -1.91
C CYS C 144 21.44 -14.60 -3.15
N VAL C 145 20.93 -13.37 -3.12
CA VAL C 145 20.20 -12.81 -4.24
C VAL C 145 21.13 -12.74 -5.46
N GLY C 146 22.42 -12.60 -5.21
CA GLY C 146 23.40 -12.48 -6.27
C GLY C 146 23.62 -13.76 -7.06
N THR C 147 23.04 -14.88 -6.61
CA THR C 147 23.14 -16.14 -7.35
C THR C 147 22.09 -16.14 -8.46
N LYS C 148 21.05 -15.34 -8.35
CA LYS C 148 20.02 -15.36 -9.37
C LYS C 148 20.11 -14.15 -10.30
N TRP C 149 20.45 -12.98 -9.78
CA TRP C 149 20.60 -11.79 -10.63
C TRP C 149 22.08 -11.35 -10.54
N LYS C 150 22.67 -10.84 -11.61
CA LYS C 150 24.08 -10.41 -11.51
C LYS C 150 24.18 -9.06 -10.84
N LEU C 151 24.96 -9.04 -9.77
CA LEU C 151 25.14 -7.81 -8.99
C LEU C 151 26.59 -7.37 -9.01
N ASP C 152 26.84 -6.08 -8.84
CA ASP C 152 28.18 -5.55 -8.84
C ASP C 152 28.71 -5.66 -7.40
N ARG C 153 29.74 -6.50 -7.17
CA ARG C 153 30.35 -6.74 -5.85
C ARG C 153 30.94 -5.48 -5.23
N LYS C 154 31.34 -4.50 -6.06
CA LYS C 154 31.95 -3.22 -5.62
C LYS C 154 30.94 -2.06 -5.42
N ARG C 155 29.67 -2.38 -5.58
CA ARG C 155 28.60 -1.39 -5.44
C ARG C 155 27.41 -1.90 -4.66
N LEU C 156 27.69 -2.40 -3.46
CA LEU C 156 26.65 -2.85 -2.56
C LEU C 156 26.43 -1.76 -1.50
N PHE C 157 25.24 -1.19 -1.45
CA PHE C 157 24.96 -0.12 -0.50
C PHE C 157 23.77 -0.36 0.40
N LEU C 158 23.86 0.03 1.67
CA LEU C 158 22.67 -0.14 2.48
C LEU C 158 22.39 1.19 3.16
N GLY C 159 21.19 1.36 3.68
CA GLY C 159 20.85 2.62 4.30
C GLY C 159 19.50 2.47 4.94
N GLY C 160 19.05 3.51 5.66
CA GLY C 160 17.79 3.41 6.31
C GLY C 160 17.52 4.60 7.17
N ILE C 161 16.29 4.65 7.69
CA ILE C 161 15.84 5.76 8.50
C ILE C 161 15.70 5.36 9.98
N SER C 162 16.11 6.27 10.86
CA SER C 162 15.93 6.09 12.29
C SER C 162 16.63 4.79 12.71
N ALA C 163 15.96 3.82 13.37
CA ALA C 163 16.66 2.60 13.74
C ALA C 163 17.32 1.97 12.55
N GLY C 164 16.74 2.16 11.34
CA GLY C 164 17.37 1.55 10.21
C GLY C 164 18.66 2.27 9.83
N GLY C 165 18.71 3.57 10.16
CA GLY C 165 19.93 4.32 9.93
C GLY C 165 20.97 3.87 11.00
N THR C 166 20.53 3.56 12.22
CA THR C 166 21.43 3.07 13.29
C THR C 166 22.02 1.72 12.79
N MET C 167 21.15 0.85 12.28
CA MET C 167 21.57 -0.48 11.80
C MET C 167 22.55 -0.29 10.65
N THR C 168 22.30 0.70 9.79
CA THR C 168 23.28 0.96 8.73
C THR C 168 24.67 1.32 9.37
N ASN C 169 24.66 2.20 10.39
CA ASN C 169 25.92 2.57 11.03
C ASN C 169 26.59 1.31 11.58
N ARG C 170 25.85 0.44 12.25
CA ARG C 170 26.56 -0.76 12.82
C ARG C 170 27.15 -1.65 11.70
N ALA C 171 26.39 -1.85 10.63
CA ALA C 171 26.88 -2.71 9.55
C ALA C 171 28.09 -2.16 8.88
N LEU C 172 28.16 -0.85 8.77
CA LEU C 172 29.33 -0.28 8.12
C LEU C 172 30.53 -0.34 9.10
N LEU C 173 30.28 -0.28 10.40
CA LEU C 173 31.41 -0.33 11.29
C LEU C 173 31.95 -1.74 11.43
N PHE C 174 31.06 -2.75 11.48
CA PHE C 174 31.50 -4.13 11.61
C PHE C 174 31.78 -4.90 10.32
N ASP C 175 31.14 -4.48 9.22
CA ASP C 175 31.28 -5.24 8.00
C ASP C 175 31.63 -4.34 6.82
N SER C 176 32.63 -3.49 6.98
CA SER C 176 33.05 -2.62 5.91
C SER C 176 33.71 -3.41 4.78
N GLU C 177 34.08 -4.67 5.03
CA GLU C 177 34.69 -5.47 3.98
C GLU C 177 33.71 -5.77 2.89
N PHE C 178 32.42 -5.81 3.26
CA PHE C 178 31.36 -6.15 2.32
C PHE C 178 30.77 -4.94 1.59
N TRP C 179 30.18 -4.02 2.36
CA TRP C 179 29.48 -2.87 1.80
C TRP C 179 30.42 -1.85 1.17
N ALA C 180 30.03 -1.31 0.03
CA ALA C 180 30.81 -0.25 -0.59
C ALA C 180 30.49 1.05 0.13
N GLY C 181 29.47 1.00 1.00
CA GLY C 181 29.07 2.17 1.74
C GLY C 181 27.58 2.22 2.03
N GLY C 182 27.05 3.40 2.32
CA GLY C 182 25.64 3.45 2.65
C GLY C 182 25.15 4.81 3.13
N MET C 183 23.84 4.86 3.34
CA MET C 183 23.19 6.09 3.77
C MET C 183 22.42 6.01 5.06
N PRO C 184 23.10 6.28 6.16
CA PRO C 184 22.40 6.23 7.47
C PRO C 184 21.63 7.55 7.68
N ILE C 185 20.30 7.48 7.64
CA ILE C 185 19.47 8.69 7.79
C ILE C 185 18.96 8.76 9.22
N SER C 186 19.41 9.77 9.95
CA SER C 186 19.02 9.99 11.34
C SER C 186 19.16 8.72 12.19
N GLY C 187 20.34 8.13 12.17
CA GLY C 187 20.51 6.94 12.98
C GLY C 187 21.14 7.35 14.30
N GLU C 188 21.03 6.48 15.28
CA GLU C 188 21.62 6.73 16.55
C GLU C 188 23.08 6.35 16.48
N TRP C 189 23.84 6.81 17.49
CA TRP C 189 25.26 6.45 17.60
C TRP C 189 25.45 5.80 18.95
N TYR C 190 24.44 5.98 19.83
CA TYR C 190 24.48 5.46 21.21
C TYR C 190 25.79 5.86 21.91
N SER C 191 26.15 7.11 21.76
CA SER C 191 27.39 7.61 22.38
C SER C 191 27.61 7.20 23.82
N THR C 192 28.85 6.80 24.14
CA THR C 192 29.22 6.40 25.50
C THR C 192 30.41 7.22 26.04
N LYS C 193 30.77 6.93 27.30
CA LYS C 193 32.00 7.50 27.87
C LYS C 193 33.11 6.68 27.16
N ASP C 194 34.36 7.15 27.24
CA ASP C 194 35.49 6.44 26.65
C ASP C 194 35.63 5.02 27.17
N ASP C 195 35.28 4.84 28.44
CA ASP C 195 35.37 3.50 28.99
C ASP C 195 34.24 2.64 28.51
N GLY C 196 33.44 3.22 27.62
CA GLY C 196 32.30 2.52 27.06
C GLY C 196 31.03 2.44 27.91
N SER C 197 31.00 3.17 29.02
CA SER C 197 29.86 3.16 29.92
C SER C 197 28.84 4.20 29.43
N THR C 198 27.57 3.96 29.75
CA THR C 198 26.55 4.91 29.28
C THR C 198 26.02 5.79 30.42
N VAL C 199 25.90 7.08 30.14
CA VAL C 199 25.35 8.02 31.10
C VAL C 199 23.98 8.44 30.50
N PRO C 200 23.12 9.12 31.31
CA PRO C 200 21.78 9.57 30.85
C PRO C 200 21.73 10.50 29.63
N PHE C 201 20.60 10.46 28.92
CA PHE C 201 20.36 11.24 27.67
C PHE C 201 20.77 12.68 27.78
N GLN C 202 20.34 13.37 28.84
CA GLN C 202 20.77 14.76 28.85
C GLN C 202 22.26 14.90 29.13
N GLU C 203 22.83 14.08 30.01
CA GLU C 203 24.28 14.17 30.25
C GLU C 203 24.92 13.91 28.87
N THR C 204 24.49 12.82 28.21
CA THR C 204 25.06 12.50 26.88
C THR C 204 24.94 13.63 25.86
N ARG C 205 23.76 14.25 25.76
CA ARG C 205 23.59 15.36 24.82
C ARG C 205 24.51 16.47 25.21
N LYS C 206 24.66 16.69 26.51
CA LYS C 206 25.55 17.77 26.95
C LYS C 206 27.04 17.44 26.70
N MET C 207 27.49 16.23 27.06
CA MET C 207 28.92 15.92 26.87
C MET C 207 29.32 16.04 25.39
N VAL C 208 28.46 15.59 24.48
CA VAL C 208 28.77 15.73 23.03
C VAL C 208 28.77 17.20 22.60
N ALA C 209 27.84 17.99 23.13
CA ALA C 209 27.78 19.43 22.77
C ALA C 209 29.05 20.14 23.27
N ALA C 210 29.60 19.64 24.37
CA ALA C 210 30.83 20.19 24.97
C ALA C 210 32.11 19.85 24.21
N ALA C 211 32.11 18.72 23.49
CA ALA C 211 33.27 18.33 22.68
C ALA C 211 32.73 17.83 21.30
N PRO C 212 32.32 18.77 20.42
CA PRO C 212 31.77 18.50 19.10
C PRO C 212 32.58 17.88 18.01
N ALA C 213 33.89 17.81 18.23
CA ALA C 213 34.77 17.25 17.23
C ALA C 213 35.42 16.00 17.84
N LYS C 214 35.16 15.74 19.11
CA LYS C 214 35.74 14.53 19.70
C LYS C 214 35.15 13.28 18.99
N ILE C 215 35.96 12.21 18.89
CA ILE C 215 35.53 10.98 18.27
C ILE C 215 34.92 10.29 19.45
N TRP C 216 33.59 10.18 19.45
CA TRP C 216 32.93 9.54 20.57
C TRP C 216 32.75 8.01 20.38
N GLN C 217 33.00 7.23 21.40
CA GLN C 217 32.75 5.81 21.29
C GLN C 217 31.20 5.72 21.28
N GLY C 218 30.66 4.60 20.82
CA GLY C 218 29.21 4.45 20.79
C GLY C 218 28.87 2.98 20.85
N ARG C 219 27.68 2.66 21.37
CA ARG C 219 27.31 1.25 21.47
C ARG C 219 26.83 0.73 20.11
N VAL C 220 26.71 1.62 19.15
CA VAL C 220 26.31 1.18 17.79
C VAL C 220 27.46 0.40 17.16
N GLY C 221 28.69 0.77 17.55
CA GLY C 221 29.87 0.12 16.99
C GLY C 221 30.62 -0.86 17.90
N PRO C 222 31.75 -1.32 17.40
CA PRO C 222 32.54 -2.24 18.19
C PRO C 222 33.12 -1.40 19.34
N TYR C 223 33.55 -2.05 20.42
CA TYR C 223 34.25 -1.30 21.48
C TYR C 223 35.69 -1.86 21.63
N PRO C 224 36.71 -1.03 21.40
CA PRO C 224 36.49 0.37 21.00
C PRO C 224 36.19 0.41 19.50
N LEU C 225 36.04 1.62 18.94
CA LEU C 225 35.74 1.79 17.50
C LEU C 225 36.98 1.47 16.65
N PRO C 226 36.79 0.84 15.48
CA PRO C 226 37.94 0.49 14.63
C PRO C 226 38.84 1.67 14.29
N SER C 227 40.15 1.42 14.27
CA SER C 227 41.03 2.49 13.89
C SER C 227 41.08 2.50 12.36
N LYS C 228 40.69 1.42 11.71
CA LYS C 228 40.62 1.46 10.28
C LYS C 228 39.44 0.68 9.70
N LEU C 229 39.11 0.97 8.46
CA LEU C 229 38.02 0.24 7.80
C LEU C 229 38.38 0.02 6.34
N ASP C 230 37.62 -0.87 5.70
CA ASP C 230 37.78 -1.13 4.28
C ASP C 230 37.22 0.13 3.57
N PRO C 231 37.70 0.45 2.36
CA PRO C 231 37.24 1.64 1.60
C PRO C 231 35.73 1.71 1.44
N MET C 232 35.16 2.90 1.67
CA MET C 232 33.71 3.09 1.53
C MET C 232 33.30 4.55 1.25
N VAL C 233 32.05 4.73 0.82
CA VAL C 233 31.51 6.08 0.75
C VAL C 233 30.27 6.03 1.68
N VAL C 234 30.17 7.01 2.60
CA VAL C 234 29.06 7.10 3.54
C VAL C 234 28.38 8.48 3.49
N ILE C 235 27.05 8.48 3.29
CA ILE C 235 26.26 9.73 3.29
C ILE C 235 25.36 9.75 4.53
N THR C 236 25.71 10.55 5.54
CA THR C 236 24.93 10.67 6.75
C THR C 236 23.91 11.83 6.57
N VAL C 237 22.65 11.56 6.83
CA VAL C 237 21.65 12.60 6.62
C VAL C 237 21.06 13.04 7.94
N TRP C 238 21.06 14.37 8.17
CA TRP C 238 20.47 14.96 9.37
C TRP C 238 19.18 15.67 8.91
N GLY C 239 18.10 15.56 9.67
CA GLY C 239 16.85 16.17 9.21
C GLY C 239 16.58 17.58 9.78
N GLY C 240 17.54 18.15 10.48
CA GLY C 240 17.35 19.51 11.02
C GLY C 240 16.96 19.68 12.46
N GLU C 241 16.52 20.89 12.82
CA GLU C 241 16.14 21.21 14.20
C GLU C 241 15.14 20.29 14.81
N LYS C 242 14.18 19.86 13.99
CA LYS C 242 13.08 18.93 14.40
C LYS C 242 13.46 17.47 14.37
N ASP C 243 14.68 17.15 13.94
CA ASP C 243 15.10 15.73 13.87
C ASP C 243 15.42 15.23 15.27
N LEU C 244 14.38 14.89 16.00
CA LEU C 244 14.47 14.40 17.36
C LEU C 244 13.45 13.33 17.60
N TRP C 245 13.67 12.55 18.66
CA TRP C 245 12.70 11.55 18.97
C TRP C 245 12.15 11.68 20.37
N ASP C 246 10.82 11.80 20.38
CA ASP C 246 10.01 11.97 21.57
C ASP C 246 8.90 10.91 21.54
N CYS C 247 8.95 9.97 22.48
CA CYS C 247 7.99 8.85 22.55
C CYS C 247 6.81 8.98 23.53
N GLY C 248 6.66 10.15 24.15
CA GLY C 248 5.58 10.35 25.12
C GLY C 248 5.87 9.73 26.49
N PRO C 249 5.39 10.30 27.61
CA PRO C 249 5.67 9.68 28.92
C PRO C 249 5.56 8.15 28.89
N PRO C 250 6.40 7.44 29.67
CA PRO C 250 7.43 7.96 30.58
C PRO C 250 8.80 8.31 29.95
N LEU C 251 9.19 7.59 28.90
CA LEU C 251 10.49 7.84 28.27
C LEU C 251 10.67 9.25 27.66
N GLY C 252 9.57 9.86 27.23
CA GLY C 252 9.59 11.20 26.63
C GLY C 252 10.56 11.37 25.45
N LEU C 253 11.44 12.35 25.58
CA LEU C 253 12.47 12.63 24.56
C LEU C 253 13.64 11.65 24.78
N CYS C 254 13.90 10.74 23.83
CA CYS C 254 15.01 9.84 24.08
C CYS C 254 16.15 9.86 23.04
N SER C 255 15.99 10.58 21.94
CA SER C 255 17.11 10.70 21.00
C SER C 255 17.13 12.11 20.45
N ASP C 256 18.33 12.62 20.19
CA ASP C 256 18.48 13.92 19.57
C ASP C 256 19.48 13.60 18.46
N TYR C 257 19.05 13.77 17.21
CA TYR C 257 19.89 13.37 16.09
C TYR C 257 20.96 14.33 15.69
N ARG C 258 21.01 15.45 16.41
CA ARG C 258 22.05 16.43 16.21
C ARG C 258 23.34 15.81 16.81
N PRO C 259 23.34 15.41 18.08
CA PRO C 259 24.63 14.84 18.48
C PRO C 259 25.04 13.50 17.84
N THR C 260 24.03 12.70 17.40
CA THR C 260 24.34 11.40 16.82
C THR C 260 24.86 11.47 15.44
N THR C 261 24.31 12.34 14.60
CA THR C 261 24.81 12.48 13.26
C THR C 261 26.15 13.24 13.28
N GLN C 262 26.36 14.02 14.34
CA GLN C 262 27.63 14.74 14.53
C GLN C 262 28.70 13.71 14.93
N ALA C 263 28.41 12.85 15.91
CA ALA C 263 29.35 11.84 16.40
C ALA C 263 29.66 10.87 15.27
N SER C 264 28.65 10.47 14.50
CA SER C 264 28.88 9.52 13.41
C SER C 264 29.78 10.14 12.37
N SER C 265 29.45 11.37 11.99
CA SER C 265 30.20 12.12 10.98
C SER C 265 31.67 12.32 11.37
N ASN C 266 31.92 12.58 12.66
CA ASN C 266 33.26 12.81 13.19
C ASN C 266 34.07 11.53 12.92
N TYR C 267 33.50 10.42 13.36
CA TYR C 267 34.19 9.16 13.17
C TYR C 267 34.46 8.81 11.69
N PHE C 268 33.43 8.72 10.86
CA PHE C 268 33.71 8.31 9.50
C PHE C 268 34.61 9.26 8.81
N SER C 269 34.61 10.52 9.22
CA SER C 269 35.48 11.47 8.54
C SER C 269 36.95 11.29 8.94
N SER C 270 37.18 10.67 10.09
CA SER C 270 38.50 10.43 10.63
C SER C 270 39.19 9.19 10.02
N ILE C 271 38.47 8.39 9.22
CA ILE C 271 39.02 7.19 8.57
C ILE C 271 39.38 7.61 7.15
N SER C 272 40.67 7.66 6.86
CA SER C 272 41.11 8.18 5.57
C SER C 272 40.74 7.50 4.29
N ASN C 273 40.42 6.22 4.33
CA ASN C 273 40.04 5.61 3.08
C ASN C 273 38.52 5.56 2.95
N VAL C 274 37.84 6.34 3.79
CA VAL C 274 36.39 6.36 3.72
C VAL C 274 35.98 7.78 3.34
N VAL C 275 35.15 7.94 2.32
CA VAL C 275 34.65 9.26 2.00
C VAL C 275 33.37 9.47 2.85
N HIS C 276 33.27 10.61 3.55
CA HIS C 276 32.07 10.90 4.31
C HIS C 276 31.42 12.15 3.79
N VAL C 277 30.11 12.04 3.57
CA VAL C 277 29.34 13.16 3.07
C VAL C 277 28.31 13.48 4.16
N ALA C 278 28.41 14.70 4.72
CA ALA C 278 27.48 15.12 5.76
C ALA C 278 26.34 15.94 5.13
N CYS C 279 25.13 15.38 4.98
CA CYS C 279 24.01 16.12 4.39
C CYS C 279 23.03 16.59 5.42
N SER C 280 22.74 17.88 5.34
CA SER C 280 21.82 18.52 6.25
C SER C 280 20.51 18.82 5.51
N ALA C 281 19.38 18.43 6.09
CA ALA C 281 18.10 18.67 5.44
C ALA C 281 17.15 19.28 6.46
N THR C 282 15.87 19.33 6.12
CA THR C 282 14.90 20.01 6.97
C THR C 282 13.59 19.25 7.31
N HIS C 283 13.42 18.01 6.87
CA HIS C 283 12.18 17.30 7.12
C HIS C 283 11.93 16.74 8.52
N GLY C 284 12.82 16.90 9.49
CA GLY C 284 12.55 16.34 10.82
C GLY C 284 13.01 14.86 10.93
N HIS C 285 12.24 14.01 11.60
CA HIS C 285 12.65 12.62 11.76
C HIS C 285 11.74 11.69 10.97
N MET C 286 12.07 11.38 9.71
CA MET C 286 11.25 10.50 8.87
C MET C 286 11.98 10.40 7.55
N TRP C 287 11.54 9.55 6.64
CA TRP C 287 12.27 9.46 5.38
C TRP C 287 12.26 10.87 4.70
N PRO C 288 13.41 11.34 4.15
CA PRO C 288 13.50 12.67 3.47
C PRO C 288 12.21 12.94 2.70
N GLN C 289 11.57 14.06 3.03
CA GLN C 289 10.29 14.45 2.45
C GLN C 289 10.40 15.44 1.26
N VAL C 290 11.35 16.37 1.31
CA VAL C 290 11.52 17.36 0.23
C VAL C 290 12.18 16.70 -0.98
N ASN C 291 11.47 16.70 -2.11
CA ASN C 291 12.03 16.17 -3.35
C ASN C 291 12.58 14.81 -3.05
N THR C 292 11.70 13.92 -2.55
CA THR C 292 12.06 12.56 -2.19
C THR C 292 12.71 11.66 -3.22
N ASP C 293 11.98 11.42 -4.32
CA ASP C 293 12.49 10.54 -5.37
C ASP C 293 13.79 11.03 -5.98
N ALA C 294 13.93 12.34 -6.09
CA ALA C 294 15.12 12.96 -6.65
C ALA C 294 16.25 12.78 -5.66
N PHE C 295 15.95 12.92 -4.37
CA PHE C 295 16.99 12.79 -3.35
C PHE C 295 17.51 11.36 -3.31
N ASN C 296 16.60 10.39 -3.26
CA ASN C 296 17.00 8.98 -3.25
C ASN C 296 17.90 8.68 -4.46
N LEU C 297 17.46 9.07 -5.66
CA LEU C 297 18.27 8.83 -6.88
C LEU C 297 19.61 9.58 -6.82
N TRP C 298 19.63 10.84 -6.40
CA TRP C 298 20.87 11.60 -6.25
C TRP C 298 21.84 10.88 -5.25
N ALA C 299 21.30 10.46 -4.10
CA ALA C 299 22.12 9.78 -3.10
C ALA C 299 22.71 8.45 -3.63
N LEU C 300 21.89 7.58 -4.23
CA LEU C 300 22.40 6.33 -4.74
C LEU C 300 23.43 6.54 -5.86
N ASN C 301 23.11 7.44 -6.78
CA ASN C 301 24.06 7.72 -7.87
C ASN C 301 25.35 8.27 -7.32
N THR C 302 25.27 9.10 -6.28
CA THR C 302 26.48 9.64 -5.70
C THR C 302 27.32 8.48 -5.09
N MET C 303 26.62 7.54 -4.42
CA MET C 303 27.36 6.41 -3.83
C MET C 303 27.87 5.50 -4.95
N ALA C 304 27.04 5.23 -5.94
CA ALA C 304 27.46 4.36 -7.02
C ALA C 304 28.66 4.91 -7.83
N SER C 305 28.89 6.22 -7.77
CA SER C 305 30.02 6.83 -8.49
C SER C 305 31.34 6.56 -7.77
N HIS C 306 31.31 5.89 -6.63
CA HIS C 306 32.54 5.64 -5.86
C HIS C 306 32.52 4.14 -5.50
N PRO C 307 32.68 3.27 -6.51
CA PRO C 307 32.67 1.84 -6.26
C PRO C 307 33.75 1.52 -5.26
N LYS C 308 33.57 0.43 -4.51
CA LYS C 308 34.51 0.04 -3.47
C LYS C 308 35.92 -0.08 -3.95
N GLY C 309 36.81 0.58 -3.23
CA GLY C 309 38.21 0.56 -3.59
C GLY C 309 38.62 1.85 -4.27
N SER C 310 37.67 2.74 -4.56
CA SER C 310 37.99 4.04 -5.16
C SER C 310 38.78 4.92 -4.16
N SER C 311 39.59 5.85 -4.65
CA SER C 311 40.35 6.68 -3.72
C SER C 311 39.59 7.96 -3.36
N PRO C 312 39.54 8.28 -2.07
CA PRO C 312 38.81 9.50 -1.70
C PRO C 312 39.22 10.71 -2.56
N LYS C 313 40.52 10.84 -2.82
CA LYS C 313 41.02 11.98 -3.58
C LYS C 313 40.29 12.18 -4.91
N ASP C 314 39.65 11.13 -5.41
CA ASP C 314 38.93 11.25 -6.68
C ASP C 314 37.40 11.38 -6.58
N PHE C 315 36.90 11.43 -5.35
CA PHE C 315 35.47 11.56 -5.16
C PHE C 315 34.96 12.92 -5.67
N LYS C 316 33.83 12.91 -6.36
CA LYS C 316 33.23 14.17 -6.86
C LYS C 316 31.81 14.25 -6.32
N LEU C 317 31.46 15.40 -5.76
CA LEU C 317 30.14 15.62 -5.22
C LEU C 317 29.41 16.67 -6.04
N THR C 318 28.18 16.38 -6.32
CA THR C 318 27.37 17.29 -7.04
C THR C 318 26.38 17.88 -6.03
N ALA C 319 25.65 18.92 -6.44
CA ALA C 319 24.62 19.55 -5.61
C ALA C 319 23.37 18.62 -5.49
N PRO C 320 22.88 18.39 -4.26
CA PRO C 320 21.72 17.54 -3.99
C PRO C 320 20.48 18.34 -4.37
N PRO C 321 19.30 17.70 -4.52
CA PRO C 321 18.11 18.49 -4.90
C PRO C 321 17.89 19.60 -3.89
N GLU C 322 16.96 20.50 -4.20
CA GLU C 322 16.69 21.56 -3.25
C GLU C 322 16.15 20.88 -1.98
N GLY C 323 16.48 21.40 -0.80
CA GLY C 323 16.05 20.77 0.46
C GLY C 323 17.25 20.23 1.24
N TYR C 324 18.37 20.16 0.53
CA TYR C 324 19.63 19.60 1.09
C TYR C 324 20.93 20.41 0.98
N SER C 325 21.80 20.27 1.96
CA SER C 325 23.08 20.94 1.94
C SER C 325 24.13 19.93 2.42
N CYS C 326 25.16 19.68 1.60
CA CYS C 326 26.20 18.68 1.92
C CYS C 326 27.68 19.13 1.82
N LYS C 327 28.50 18.61 2.71
CA LYS C 327 29.93 18.92 2.66
C LYS C 327 30.68 17.61 2.84
N ILE C 328 31.98 17.62 2.54
CA ILE C 328 32.77 16.43 2.68
C ILE C 328 33.24 16.46 4.12
N GLY C 329 33.24 15.33 4.78
CA GLY C 329 33.75 15.35 6.13
C GLY C 329 32.68 15.55 7.17
N ARG C 330 33.11 15.87 8.40
CA ARG C 330 32.25 16.05 9.56
C ARG C 330 31.28 17.19 9.45
N PHE C 331 30.16 17.11 10.16
CA PHE C 331 29.22 18.21 10.07
C PHE C 331 29.85 19.37 10.81
N THR C 332 29.62 20.56 10.32
CA THR C 332 30.13 21.75 10.98
C THR C 332 28.99 22.80 11.19
N ASP C 333 27.75 22.37 10.89
CA ASP C 333 26.53 23.20 11.02
C ASP C 333 25.60 22.68 12.12
N HIS C 334 26.12 21.95 13.11
CA HIS C 334 25.34 21.38 14.21
C HIS C 334 25.65 22.10 15.56
N TYR C 335 26.92 22.49 15.74
CA TYR C 335 27.34 23.18 16.94
C TYR C 335 28.28 24.37 16.64
N LYS C 336 28.33 25.29 17.62
CA LYS C 336 29.17 26.47 17.54
C LYS C 336 30.66 26.02 17.65
S SO4 D . -2.94 8.26 7.63
O1 SO4 D . -4.39 8.25 7.44
O2 SO4 D . -2.63 7.90 9.05
O3 SO4 D . -2.32 7.25 6.81
O4 SO4 D . -2.34 9.56 7.31
S SO4 E . -1.90 -14.07 -9.62
O1 SO4 E . -3.03 -13.43 -10.35
O2 SO4 E . -1.69 -13.26 -8.40
O3 SO4 E . -2.26 -15.44 -9.19
O4 SO4 E . -0.73 -14.07 -10.48
S SO4 F . 10.63 5.61 13.45
O1 SO4 F . 10.96 6.84 12.70
O2 SO4 F . 11.90 5.06 13.99
O3 SO4 F . 10.02 4.69 12.51
O4 SO4 F . 9.77 5.90 14.53
S SO4 G . 0.93 -1.69 13.87
O1 SO4 G . 0.33 -0.45 14.43
O2 SO4 G . 1.48 -2.51 14.98
O3 SO4 G . -0.09 -2.47 13.11
O4 SO4 G . 2.01 -1.32 12.96
#